data_8HY5
#
_entry.id   8HY5
#
_cell.length_a   43.756
_cell.length_b   74.164
_cell.length_c   99.037
_cell.angle_alpha   90.000
_cell.angle_beta   91.460
_cell.angle_gamma   90.000
#
_symmetry.space_group_name_H-M   'P 1 21 1'
#
loop_
_entity.id
_entity.type
_entity.pdbx_description
1 polymer 'D-amino-acid oxidase'
2 non-polymer 'FLAVIN-ADENINE DINUCLEOTIDE'
3 non-polymer 'BENZOIC ACID'
4 non-polymer 1,2-ETHANEDIOL
5 non-polymer 'SODIUM ION'
6 water water
#
_entity_poly.entity_id   1
_entity_poly.type   'polypeptide(L)'
_entity_poly.pdbx_seq_one_letter_code
;MGSSHHHHHHSSGLVPRGSHMASMRVVVIGAGVIGLSTALCIHERYHSVLQPLDIKVYADHFTPLTTTDVAAGLWQPYLS
DPNNPQEADWSQQTFDYLLSHVHSPNAENLGLFLISGYNLFHEAIPDPSWKDTVLGFRKLTPRELDMFPDYGYGWFHTSL
ILEGKNYLQWLTERLTERGVKFFQRKVESFEEVAREGADVIVNCTGVWAGALQRDPLLQPGRGQIMKVDAPWMKHFILTH
DPERGIYNSPYIIPGTQTVTLGGIFQLGNWSELNNIQDHNTIWEGCCRLEPTLKNARIIGERTGFRPVRPQIRLEREQLR
TGPSNTEVIHNYGHGGYGLTIHWGCALEAAKLFGRILEEKKLSRMPPSHL
;
_entity_poly.pdbx_strand_id   A,B
#
# COMPACT_ATOMS: atom_id res chain seq x y z
N MET A 24 23.30 17.75 -37.09
CA MET A 24 22.10 18.30 -36.48
C MET A 24 22.34 18.59 -35.00
N ARG A 25 22.41 19.87 -34.64
CA ARG A 25 22.78 20.30 -33.31
C ARG A 25 21.53 20.75 -32.56
N VAL A 26 21.25 20.10 -31.41
CA VAL A 26 20.05 20.37 -30.64
C VAL A 26 20.42 20.67 -29.20
N VAL A 27 19.75 21.67 -28.62
CA VAL A 27 19.93 22.04 -27.22
C VAL A 27 18.58 21.93 -26.52
N VAL A 28 18.53 21.11 -25.47
CA VAL A 28 17.34 20.98 -24.63
C VAL A 28 17.58 21.80 -23.36
N ILE A 29 16.70 22.77 -23.11
CA ILE A 29 16.80 23.61 -21.93
C ILE A 29 15.83 23.07 -20.89
N GLY A 30 16.37 22.66 -19.74
CA GLY A 30 15.55 22.12 -18.66
C GLY A 30 15.91 20.68 -18.34
N ALA A 31 16.23 20.42 -17.07
CA ALA A 31 16.55 19.07 -16.59
C ALA A 31 15.48 18.49 -15.69
N GLY A 32 14.25 18.98 -15.78
CA GLY A 32 13.14 18.38 -15.08
C GLY A 32 12.64 17.15 -15.83
N VAL A 33 11.49 16.65 -15.39
CA VAL A 33 10.93 15.46 -16.04
C VAL A 33 10.60 15.74 -17.49
N ILE A 34 10.21 16.97 -17.82
CA ILE A 34 9.83 17.29 -19.19
C ILE A 34 11.06 17.37 -20.09
N GLY A 35 12.11 18.05 -19.62
CA GLY A 35 13.31 18.19 -20.43
C GLY A 35 14.05 16.88 -20.64
N LEU A 36 14.18 16.09 -19.59
CA LEU A 36 14.93 14.84 -19.70
C LEU A 36 14.17 13.81 -20.53
N SER A 37 12.86 13.69 -20.32
CA SER A 37 12.09 12.72 -21.09
C SER A 37 12.01 13.12 -22.55
N THR A 38 11.92 14.43 -22.83
CA THR A 38 11.93 14.87 -24.23
C THR A 38 13.29 14.63 -24.87
N ALA A 39 14.37 14.94 -24.15
CA ALA A 39 15.72 14.65 -24.65
C ALA A 39 15.91 13.16 -24.90
N LEU A 40 15.44 12.32 -23.97
CA LEU A 40 15.54 10.88 -24.19
C LEU A 40 14.66 10.44 -25.36
N CYS A 41 13.40 10.88 -25.36
CA CYS A 41 12.46 10.41 -26.37
C CYS A 41 12.87 10.86 -27.77
N ILE A 42 13.39 12.08 -27.89
CA ILE A 42 13.87 12.54 -29.20
C ILE A 42 15.09 11.74 -29.63
N HIS A 43 15.96 11.40 -28.68
CA HIS A 43 17.20 10.71 -29.02
C HIS A 43 16.94 9.30 -29.53
N GLU A 44 16.05 8.55 -28.86
CA GLU A 44 15.83 7.16 -29.26
C GLU A 44 15.05 7.04 -30.57
N ARG A 45 14.50 8.13 -31.09
CA ARG A 45 13.76 8.10 -32.35
C ARG A 45 14.54 8.71 -33.51
N TYR A 46 15.44 9.68 -33.26
CA TYR A 46 16.07 10.40 -34.36
C TYR A 46 17.59 10.39 -34.31
N HIS A 47 18.19 9.51 -33.51
CA HIS A 47 19.64 9.35 -33.56
C HIS A 47 20.04 8.43 -34.71
N SER A 48 21.19 8.74 -35.32
CA SER A 48 21.70 8.03 -36.48
C SER A 48 20.65 7.85 -37.57
N PRO A 52 23.31 11.23 -37.04
CA PRO A 52 24.02 11.40 -35.75
C PRO A 52 23.61 12.68 -35.03
N LEU A 53 22.80 12.55 -33.98
CA LEU A 53 22.18 13.69 -33.32
C LEU A 53 23.08 14.24 -32.23
N ASP A 54 23.29 15.56 -32.26
CA ASP A 54 24.05 16.27 -31.23
C ASP A 54 23.07 16.84 -30.22
N ILE A 55 22.97 16.19 -29.06
CA ILE A 55 22.01 16.57 -28.03
C ILE A 55 22.79 17.06 -26.82
N LYS A 56 22.43 18.26 -26.35
CA LYS A 56 23.01 18.86 -25.16
C LYS A 56 21.88 19.36 -24.28
N VAL A 57 22.01 19.18 -22.97
CA VAL A 57 20.99 19.59 -22.01
C VAL A 57 21.57 20.73 -21.19
N TYR A 58 21.01 21.93 -21.34
CA TYR A 58 21.34 23.07 -20.50
C TYR A 58 20.29 23.19 -19.40
N ALA A 59 20.75 23.42 -18.17
CA ALA A 59 19.85 23.63 -17.04
C ALA A 59 20.63 24.27 -15.91
N ASP A 60 19.97 25.16 -15.17
CA ASP A 60 20.62 25.81 -14.03
C ASP A 60 20.36 25.08 -12.72
N HIS A 61 19.41 24.15 -12.69
CA HIS A 61 19.18 23.29 -11.54
C HIS A 61 18.85 21.89 -12.04
N PHE A 62 19.38 20.90 -11.33
CA PHE A 62 19.17 19.50 -11.66
C PHE A 62 18.58 18.82 -10.43
N THR A 63 18.26 17.54 -10.59
CA THR A 63 17.84 16.76 -9.43
C THR A 63 18.95 16.81 -8.38
N PRO A 64 18.63 17.00 -7.09
CA PRO A 64 17.30 17.06 -6.47
C PRO A 64 16.63 18.43 -6.39
N LEU A 65 17.05 19.46 -7.13
CA LEU A 65 16.50 20.80 -6.89
C LEU A 65 15.60 21.30 -8.01
N THR A 66 14.68 20.47 -8.49
CA THR A 66 13.70 20.89 -9.46
C THR A 66 12.29 20.73 -8.88
N THR A 67 11.32 21.38 -9.53
CA THR A 67 9.93 21.17 -9.16
C THR A 67 9.53 19.71 -9.29
N THR A 68 10.12 18.98 -10.24
CA THR A 68 9.82 17.57 -10.40
C THR A 68 10.15 16.78 -9.14
N ASP A 69 11.22 17.16 -8.43
CA ASP A 69 11.58 16.47 -7.20
C ASP A 69 10.63 16.79 -6.05
N VAL A 70 9.88 17.88 -6.15
CA VAL A 70 8.95 18.22 -5.07
C VAL A 70 7.65 17.43 -5.18
N ALA A 71 7.31 17.00 -6.39
CA ALA A 71 6.04 16.32 -6.62
C ALA A 71 6.02 14.96 -5.91
N ALA A 72 4.85 14.61 -5.37
CA ALA A 72 4.69 13.26 -4.85
C ALA A 72 4.82 12.23 -5.96
N GLY A 73 4.38 12.57 -7.16
CA GLY A 73 4.51 11.69 -8.29
C GLY A 73 3.33 10.80 -8.54
N LEU A 74 2.18 11.10 -7.96
CA LEU A 74 0.98 10.32 -8.24
C LEU A 74 0.51 10.58 -9.65
N TRP A 75 0.19 9.52 -10.38
CA TRP A 75 -0.38 9.65 -11.70
C TRP A 75 -1.87 9.96 -11.56
N GLN A 76 -2.25 11.20 -11.85
CA GLN A 76 -3.65 11.59 -11.89
C GLN A 76 -3.78 12.96 -12.55
N PRO A 77 -4.38 13.03 -13.72
CA PRO A 77 -4.67 14.34 -14.32
C PRO A 77 -5.75 15.07 -13.54
N TYR A 78 -6.07 16.28 -13.98
CA TYR A 78 -7.16 17.04 -13.39
C TYR A 78 -8.49 16.30 -13.58
N LEU A 79 -9.49 16.70 -12.79
CA LEU A 79 -10.79 16.04 -12.85
C LEU A 79 -11.58 16.47 -14.09
N SER A 80 -11.60 17.77 -14.38
CA SER A 80 -12.37 18.23 -15.52
C SER A 80 -11.64 17.90 -16.83
N ASP A 81 -12.40 17.90 -17.92
CA ASP A 81 -11.81 17.59 -19.22
C ASP A 81 -10.79 18.66 -19.60
N PRO A 82 -9.70 18.28 -20.26
CA PRO A 82 -8.71 19.29 -20.68
C PRO A 82 -9.23 20.14 -21.82
N ASN A 83 -8.80 21.40 -21.83
CA ASN A 83 -9.15 22.29 -22.93
C ASN A 83 -8.57 21.78 -24.25
N ASN A 84 -7.42 21.10 -24.20
CA ASN A 84 -6.90 20.41 -25.36
C ASN A 84 -7.18 18.92 -25.19
N PRO A 85 -8.11 18.34 -25.97
CA PRO A 85 -8.41 16.91 -25.79
C PRO A 85 -7.23 16.00 -26.11
N GLN A 86 -6.21 16.51 -26.79
CA GLN A 86 -4.99 15.71 -27.02
C GLN A 86 -4.32 15.34 -25.71
N GLU A 87 -4.47 16.16 -24.68
CA GLU A 87 -3.78 15.89 -23.42
C GLU A 87 -4.27 14.59 -22.79
N ALA A 88 -5.56 14.30 -22.92
CA ALA A 88 -6.08 13.00 -22.45
C ALA A 88 -5.39 11.86 -23.17
N ASP A 89 -5.10 12.04 -24.46
CA ASP A 89 -4.30 11.04 -25.18
C ASP A 89 -2.89 10.97 -24.61
N TRP A 90 -2.27 12.11 -24.37
CA TRP A 90 -0.90 12.13 -23.84
C TRP A 90 -0.85 11.49 -22.46
N SER A 91 -1.88 11.71 -21.64
CA SER A 91 -1.90 11.09 -20.32
C SER A 91 -2.05 9.57 -20.43
N GLN A 92 -2.87 9.11 -21.38
CA GLN A 92 -3.07 7.68 -21.56
C GLN A 92 -1.79 7.02 -22.07
N GLN A 93 -1.08 7.68 -22.99
CA GLN A 93 0.20 7.16 -23.47
C GLN A 93 1.24 7.09 -22.35
N THR A 94 1.19 8.03 -21.40
CA THR A 94 2.15 7.99 -20.29
C THR A 94 1.85 6.83 -19.35
N PHE A 95 0.57 6.58 -19.06
CA PHE A 95 0.21 5.47 -18.18
C PHE A 95 0.65 4.14 -18.78
N ASP A 96 0.35 3.92 -20.06
CA ASP A 96 0.71 2.66 -20.71
C ASP A 96 2.23 2.48 -20.74
N TYR A 97 2.96 3.57 -20.95
CA TYR A 97 4.42 3.49 -20.93
C TYR A 97 4.94 3.13 -19.55
N LEU A 98 4.38 3.75 -18.51
CA LEU A 98 4.79 3.43 -17.15
C LEU A 98 4.31 2.03 -16.74
N LEU A 99 3.11 1.65 -17.19
CA LEU A 99 2.63 0.30 -16.93
C LEU A 99 3.57 -0.75 -17.53
N SER A 100 4.24 -0.43 -18.63
CA SER A 100 5.21 -1.34 -19.22
C SER A 100 6.50 -1.44 -18.42
N HIS A 101 6.65 -0.62 -17.37
CA HIS A 101 7.83 -0.64 -16.52
C HIS A 101 7.59 -1.24 -15.14
N VAL A 102 6.33 -1.31 -14.68
CA VAL A 102 6.04 -1.53 -13.26
C VAL A 102 6.57 -2.89 -12.80
N HIS A 103 6.44 -3.91 -13.63
CA HIS A 103 6.88 -5.25 -13.26
C HIS A 103 8.25 -5.60 -13.80
N SER A 104 8.93 -4.65 -14.43
CA SER A 104 10.33 -4.86 -14.77
C SER A 104 11.16 -4.88 -13.48
N PRO A 105 12.23 -5.67 -13.44
CA PRO A 105 12.98 -5.83 -12.18
C PRO A 105 13.67 -4.55 -11.70
N ASN A 106 13.71 -3.49 -12.51
CA ASN A 106 14.35 -2.24 -12.11
C ASN A 106 13.37 -1.08 -11.99
N ALA A 107 12.09 -1.37 -11.73
CA ALA A 107 11.09 -0.31 -11.63
C ALA A 107 11.33 0.58 -10.42
N GLU A 108 11.95 0.05 -9.37
CA GLU A 108 12.28 0.85 -8.19
C GLU A 108 13.40 1.83 -8.48
N ASN A 109 14.33 1.48 -9.38
CA ASN A 109 15.30 2.45 -9.86
C ASN A 109 14.62 3.63 -10.51
N LEU A 110 13.46 3.41 -11.12
CA LEU A 110 12.65 4.50 -11.65
C LEU A 110 11.78 5.15 -10.58
N GLY A 111 11.72 4.58 -9.37
CA GLY A 111 10.82 5.07 -8.36
C GLY A 111 9.36 4.87 -8.72
N LEU A 112 9.04 3.80 -9.44
CA LEU A 112 7.71 3.58 -9.97
C LEU A 112 7.08 2.35 -9.32
N PHE A 113 5.82 2.47 -8.91
CA PHE A 113 5.12 1.35 -8.30
C PHE A 113 3.62 1.59 -8.35
N LEU A 114 2.86 0.49 -8.28
CA LEU A 114 1.40 0.57 -8.27
C LEU A 114 0.90 1.01 -6.90
N ILE A 115 -0.20 1.74 -6.90
CA ILE A 115 -0.85 2.14 -5.66
C ILE A 115 -2.32 2.38 -5.94
N SER A 116 -3.17 1.92 -5.04
CA SER A 116 -4.61 2.16 -5.11
C SER A 116 -4.98 3.19 -4.05
N GLY A 117 -6.13 3.83 -4.23
CA GLY A 117 -6.52 4.82 -3.26
C GLY A 117 -7.87 5.43 -3.56
N TYR A 118 -8.18 6.46 -2.77
CA TYR A 118 -9.50 7.07 -2.73
C TYR A 118 -9.45 8.50 -3.24
N ASN A 119 -10.46 8.87 -3.99
CA ASN A 119 -10.76 10.28 -4.28
C ASN A 119 -12.07 10.60 -3.58
N LEU A 120 -12.04 11.54 -2.64
CA LEU A 120 -13.19 11.82 -1.79
C LEU A 120 -13.77 13.20 -2.12
N PHE A 121 -15.11 13.25 -2.17
CA PHE A 121 -15.83 14.46 -2.52
C PHE A 121 -17.00 14.65 -1.57
N HIS A 122 -17.51 15.87 -1.51
CA HIS A 122 -18.78 16.14 -0.86
C HIS A 122 -19.95 16.05 -1.82
N GLU A 123 -19.71 15.66 -3.06
CA GLU A 123 -20.73 15.73 -4.09
C GLU A 123 -20.36 14.78 -5.22
N ALA A 124 -21.38 14.36 -5.98
CA ALA A 124 -21.20 13.42 -7.08
C ALA A 124 -20.64 14.15 -8.29
N ILE A 125 -19.33 14.39 -8.25
CA ILE A 125 -18.63 14.98 -9.40
C ILE A 125 -18.73 14.03 -10.58
N PRO A 126 -18.92 14.51 -11.81
CA PRO A 126 -18.95 13.59 -12.95
C PRO A 126 -17.63 12.83 -13.10
N ASP A 127 -17.74 11.68 -13.76
CA ASP A 127 -16.57 10.83 -13.99
C ASP A 127 -15.47 11.59 -14.71
N PRO A 128 -14.21 11.28 -14.43
CA PRO A 128 -13.11 11.93 -15.13
C PRO A 128 -12.84 11.27 -16.47
N SER A 129 -12.16 12.01 -17.34
CA SER A 129 -11.84 11.49 -18.66
C SER A 129 -10.86 10.32 -18.60
N TRP A 130 -10.06 10.22 -17.54
CA TRP A 130 -9.08 9.16 -17.38
C TRP A 130 -9.66 7.93 -16.67
N LYS A 131 -10.98 7.83 -16.56
CA LYS A 131 -11.57 6.74 -15.78
C LYS A 131 -11.26 5.38 -16.38
N ASP A 132 -11.13 5.29 -17.70
CA ASP A 132 -10.77 4.04 -18.34
C ASP A 132 -9.26 3.89 -18.52
N THR A 133 -8.48 4.93 -18.20
CA THR A 133 -7.03 4.85 -18.31
C THR A 133 -6.41 4.13 -17.12
N VAL A 134 -6.84 4.49 -15.90
CA VAL A 134 -6.37 3.84 -14.68
C VAL A 134 -6.96 2.45 -14.60
N LEU A 135 -6.53 1.67 -13.60
CA LEU A 135 -6.94 0.29 -13.46
C LEU A 135 -8.06 0.18 -12.42
N GLY A 136 -9.14 -0.48 -12.81
CA GLY A 136 -10.23 -0.77 -11.87
C GLY A 136 -10.91 0.43 -11.27
N PHE A 137 -11.22 1.44 -12.09
CA PHE A 137 -11.93 2.61 -11.60
C PHE A 137 -13.36 2.25 -11.22
N ARG A 138 -13.81 2.75 -10.08
CA ARG A 138 -15.17 2.46 -9.61
C ARG A 138 -15.57 3.51 -8.58
N LYS A 139 -16.87 3.58 -8.34
CA LYS A 139 -17.38 4.43 -7.27
C LYS A 139 -17.24 3.73 -5.93
N LEU A 140 -17.18 4.51 -4.86
CA LEU A 140 -17.09 3.96 -3.52
C LEU A 140 -18.45 3.47 -3.04
N THR A 141 -18.45 2.38 -2.29
CA THR A 141 -19.66 1.83 -1.70
C THR A 141 -19.96 2.54 -0.37
N PRO A 142 -21.21 2.45 0.11
CA PRO A 142 -21.54 3.13 1.37
C PRO A 142 -20.68 2.67 2.54
N ARG A 143 -20.35 1.37 2.62
CA ARG A 143 -19.49 0.92 3.71
C ARG A 143 -18.10 1.54 3.61
N GLU A 144 -17.60 1.75 2.40
CA GLU A 144 -16.33 2.45 2.26
C GLU A 144 -16.46 3.91 2.65
N LEU A 145 -17.53 4.58 2.22
CA LEU A 145 -17.75 5.98 2.57
C LEU A 145 -17.93 6.17 4.06
N ASP A 146 -18.42 5.15 4.76
CA ASP A 146 -18.56 5.23 6.21
C ASP A 146 -17.21 5.36 6.91
N MET A 147 -16.11 5.02 6.25
CA MET A 147 -14.79 5.20 6.85
C MET A 147 -14.34 6.66 6.82
N PHE A 148 -14.96 7.48 5.97
CA PHE A 148 -14.63 8.91 5.86
C PHE A 148 -15.90 9.69 6.13
N PRO A 149 -16.19 10.01 7.39
CA PRO A 149 -17.50 10.60 7.74
C PRO A 149 -17.73 11.97 7.13
N ASP A 150 -16.67 12.69 6.78
CA ASP A 150 -16.80 14.04 6.24
C ASP A 150 -17.08 14.07 4.74
N TYR A 151 -17.27 12.91 4.11
CA TYR A 151 -17.43 12.85 2.66
C TYR A 151 -18.58 11.91 2.32
N GLY A 152 -19.28 12.22 1.23
CA GLY A 152 -20.46 11.46 0.85
C GLY A 152 -20.40 10.83 -0.52
N TYR A 153 -19.27 10.92 -1.20
CA TYR A 153 -19.13 10.40 -2.55
C TYR A 153 -17.65 10.27 -2.88
N GLY A 154 -17.33 9.34 -3.77
CA GLY A 154 -15.94 9.26 -4.17
C GLY A 154 -15.65 8.10 -5.10
N TRP A 155 -14.37 7.96 -5.42
CA TRP A 155 -13.88 6.94 -6.33
C TRP A 155 -12.84 6.07 -5.65
N PHE A 156 -12.62 4.90 -6.23
CA PHE A 156 -11.50 4.04 -5.93
C PHE A 156 -10.94 3.54 -7.24
N HIS A 157 -9.62 3.54 -7.37
CA HIS A 157 -8.97 2.97 -8.55
C HIS A 157 -7.54 2.64 -8.19
N THR A 158 -6.86 1.98 -9.11
CA THR A 158 -5.43 1.69 -8.97
C THR A 158 -4.67 2.52 -9.98
N SER A 159 -3.60 3.17 -9.53
CA SER A 159 -2.79 4.01 -10.39
C SER A 159 -1.33 3.75 -10.05
N LEU A 160 -0.48 4.75 -10.33
CA LEU A 160 0.96 4.61 -10.21
C LEU A 160 1.54 5.83 -9.51
N ILE A 161 2.67 5.61 -8.87
CA ILE A 161 3.51 6.69 -8.36
C ILE A 161 4.86 6.63 -9.07
N LEU A 162 5.32 7.78 -9.54
CA LEU A 162 6.62 7.92 -10.19
C LEU A 162 7.36 9.06 -9.48
N GLU A 163 8.26 8.71 -8.58
CA GLU A 163 8.97 9.70 -7.80
C GLU A 163 10.03 10.38 -8.63
N GLY A 164 10.03 11.72 -8.64
CA GLY A 164 10.95 12.45 -9.48
C GLY A 164 12.41 12.17 -9.14
N LYS A 165 12.74 12.14 -7.85
CA LYS A 165 14.13 11.99 -7.43
C LYS A 165 14.78 10.74 -8.03
N ASN A 166 14.02 9.65 -8.13
CA ASN A 166 14.55 8.44 -8.76
C ASN A 166 14.43 8.49 -10.28
N TYR A 167 13.28 8.94 -10.78
CA TYR A 167 13.06 8.95 -12.22
C TYR A 167 14.02 9.90 -12.92
N LEU A 168 14.25 11.09 -12.33
CA LEU A 168 15.21 12.02 -12.91
C LEU A 168 16.62 11.45 -12.94
N GLN A 169 17.00 10.73 -11.87
CA GLN A 169 18.30 10.07 -11.87
C GLN A 169 18.35 8.95 -12.90
N TRP A 170 17.25 8.21 -13.04
CA TRP A 170 17.19 7.16 -14.06
C TRP A 170 17.30 7.76 -15.46
N LEU A 171 16.52 8.80 -15.74
CA LEU A 171 16.59 9.44 -17.06
C LEU A 171 17.99 9.96 -17.34
N THR A 172 18.69 10.44 -16.31
CA THR A 172 20.00 11.04 -16.52
C THR A 172 21.00 10.02 -17.06
N GLU A 173 21.12 8.85 -16.41
CA GLU A 173 22.10 7.88 -16.86
C GLU A 173 21.65 7.16 -18.12
N ARG A 174 20.32 7.02 -18.33
CA ARG A 174 19.86 6.62 -19.65
C ARG A 174 20.29 7.61 -20.71
N LEU A 175 20.35 8.90 -20.37
CA LEU A 175 20.82 9.91 -21.31
C LEU A 175 22.33 9.88 -21.45
N THR A 176 23.06 9.88 -20.32
CA THR A 176 24.52 9.93 -20.39
C THR A 176 25.10 8.71 -21.10
N GLU A 177 24.60 7.52 -20.79
CA GLU A 177 25.10 6.32 -21.47
C GLU A 177 24.75 6.30 -22.95
N ARG A 178 23.91 7.21 -23.41
CA ARG A 178 23.61 7.38 -24.83
C ARG A 178 24.44 8.48 -25.47
N GLY A 179 25.39 9.06 -24.73
CA GLY A 179 26.23 10.12 -25.26
C GLY A 179 25.68 11.52 -25.10
N VAL A 180 24.65 11.70 -24.29
CA VAL A 180 24.05 13.02 -24.09
C VAL A 180 24.85 13.77 -23.04
N LYS A 181 25.26 14.98 -23.37
CA LYS A 181 26.07 15.80 -22.47
C LYS A 181 25.21 16.82 -21.73
N PHE A 182 25.58 17.09 -20.48
CA PHE A 182 24.85 17.97 -19.60
C PHE A 182 25.71 19.16 -19.22
N PHE A 183 25.08 20.32 -19.06
CA PHE A 183 25.78 21.54 -18.70
C PHE A 183 24.93 22.33 -17.71
N GLN A 184 25.55 22.75 -16.62
CA GLN A 184 24.90 23.60 -15.62
C GLN A 184 25.10 25.05 -16.01
N ARG A 185 24.04 25.69 -16.47
CA ARG A 185 24.13 27.10 -16.86
C ARG A 185 22.73 27.65 -17.07
N LYS A 186 22.58 28.95 -16.79
CA LYS A 186 21.31 29.65 -16.94
C LYS A 186 21.25 30.30 -18.32
N VAL A 187 20.30 29.87 -19.14
CA VAL A 187 20.09 30.47 -20.45
C VAL A 187 19.41 31.81 -20.28
N GLU A 188 20.02 32.87 -20.83
CA GLU A 188 19.44 34.20 -20.77
C GLU A 188 18.44 34.46 -21.89
N SER A 189 18.62 33.82 -23.04
CA SER A 189 17.74 34.03 -24.18
C SER A 189 17.91 32.90 -25.17
N PHE A 190 16.88 32.69 -25.99
CA PHE A 190 17.00 31.75 -27.09
C PHE A 190 18.07 32.16 -28.09
N GLU A 191 18.27 33.47 -28.27
CA GLU A 191 19.25 33.95 -29.23
C GLU A 191 20.66 33.56 -28.83
N GLU A 192 21.00 33.74 -27.54
CA GLU A 192 22.31 33.35 -27.06
C GLU A 192 22.64 31.91 -27.41
N VAL A 193 21.65 31.02 -27.27
CA VAL A 193 21.85 29.62 -27.65
C VAL A 193 21.88 29.50 -29.18
N ALA A 194 21.08 30.29 -29.87
CA ALA A 194 21.09 30.27 -31.33
C ALA A 194 22.43 30.74 -31.87
N ARG A 195 23.04 31.74 -31.22
CA ARG A 195 24.35 32.22 -31.63
C ARG A 195 25.37 31.09 -31.59
N GLU A 196 25.33 30.27 -30.54
CA GLU A 196 26.27 29.16 -30.40
C GLU A 196 26.03 28.05 -31.41
N GLY A 197 25.05 28.20 -32.30
CA GLY A 197 24.89 27.30 -33.42
C GLY A 197 23.80 26.26 -33.28
N ALA A 198 22.98 26.33 -32.24
CA ALA A 198 21.92 25.33 -32.06
C ALA A 198 20.90 25.45 -33.18
N ASP A 199 20.62 24.32 -33.84
CA ASP A 199 19.62 24.30 -34.90
C ASP A 199 18.22 24.11 -34.36
N VAL A 200 18.06 23.39 -33.26
CA VAL A 200 16.77 23.22 -32.59
C VAL A 200 16.95 23.52 -31.11
N ILE A 201 16.04 24.30 -30.55
CA ILE A 201 15.97 24.56 -29.12
C ILE A 201 14.68 23.93 -28.61
N VAL A 202 14.80 23.05 -27.63
CA VAL A 202 13.65 22.43 -26.98
C VAL A 202 13.45 23.09 -25.64
N ASN A 203 12.42 23.94 -25.55
CA ASN A 203 12.21 24.80 -24.39
C ASN A 203 11.39 24.06 -23.34
N CYS A 204 12.07 23.44 -22.37
CA CYS A 204 11.39 22.72 -21.32
C CYS A 204 11.72 23.33 -19.96
N THR A 205 11.42 24.62 -19.81
CA THR A 205 11.81 25.38 -18.63
C THR A 205 10.72 25.45 -17.58
N GLY A 206 9.60 24.78 -17.79
CA GLY A 206 8.59 24.69 -16.74
C GLY A 206 7.99 26.04 -16.41
N VAL A 207 7.92 26.34 -15.11
CA VAL A 207 7.24 27.55 -14.64
C VAL A 207 8.03 28.81 -14.93
N TRP A 208 9.28 28.69 -15.37
CA TRP A 208 10.12 29.85 -15.66
C TRP A 208 10.22 30.16 -17.14
N ALA A 209 9.34 29.59 -17.97
CA ALA A 209 9.41 29.83 -19.41
C ALA A 209 9.21 31.29 -19.76
N GLY A 210 8.52 32.04 -18.91
CA GLY A 210 8.28 33.45 -19.17
C GLY A 210 9.55 34.30 -19.21
N ALA A 211 10.63 33.82 -18.58
CA ALA A 211 11.89 34.57 -18.61
C ALA A 211 12.51 34.58 -20.00
N LEU A 212 12.26 33.55 -20.80
CA LEU A 212 12.79 33.48 -22.16
C LEU A 212 11.79 33.96 -23.20
N GLN A 213 10.50 33.86 -22.93
CA GLN A 213 9.48 34.42 -23.83
C GLN A 213 8.24 34.69 -23.00
N ARG A 214 7.77 35.94 -23.01
CA ARG A 214 6.62 36.32 -22.20
C ARG A 214 5.41 35.45 -22.53
N ASP A 215 4.75 34.96 -21.47
CA ASP A 215 3.56 34.13 -21.61
C ASP A 215 2.60 34.51 -20.49
N PRO A 216 1.68 35.45 -20.75
CA PRO A 216 0.72 35.85 -19.71
C PRO A 216 -0.23 34.73 -19.29
N LEU A 217 -0.30 33.64 -20.06
CA LEU A 217 -1.11 32.49 -19.67
C LEU A 217 -0.35 31.54 -18.76
N LEU A 218 0.95 31.74 -18.57
CA LEU A 218 1.76 30.90 -17.68
C LEU A 218 1.92 31.60 -16.34
N GLN A 219 1.59 30.90 -15.27
CA GLN A 219 1.67 31.45 -13.93
C GLN A 219 2.00 30.32 -12.96
N PRO A 220 2.55 30.64 -11.79
CA PRO A 220 2.93 29.56 -10.86
C PRO A 220 1.76 29.11 -10.02
N GLY A 221 1.63 27.79 -9.88
CA GLY A 221 0.72 27.24 -8.90
C GLY A 221 1.52 26.80 -7.70
N ARG A 222 1.74 27.71 -6.75
CA ARG A 222 2.61 27.40 -5.61
C ARG A 222 2.02 26.25 -4.80
N GLY A 223 2.88 25.30 -4.45
CA GLY A 223 2.45 24.19 -3.63
C GLY A 223 3.44 23.91 -2.51
N GLN A 224 2.92 23.51 -1.36
CA GLN A 224 3.74 23.11 -0.23
C GLN A 224 3.33 21.72 0.20
N ILE A 225 4.30 20.87 0.49
CA ILE A 225 4.05 19.50 0.88
C ILE A 225 4.84 19.18 2.14
N MET A 226 4.43 18.09 2.79
CA MET A 226 5.05 17.62 4.02
C MET A 226 5.31 16.13 3.88
N LYS A 227 6.51 15.69 4.24
CA LYS A 227 6.89 14.29 4.18
C LYS A 227 6.94 13.74 5.59
N VAL A 228 6.18 12.67 5.86
CA VAL A 228 6.08 12.10 7.18
C VAL A 228 6.34 10.60 7.12
N ASP A 229 6.72 10.04 8.27
CA ASP A 229 6.94 8.60 8.41
C ASP A 229 5.62 7.99 8.88
N ALA A 230 4.86 7.44 7.95
CA ALA A 230 3.58 6.78 8.24
C ALA A 230 3.53 5.48 7.44
N PRO A 231 4.32 4.48 7.83
CA PRO A 231 4.46 3.28 6.98
C PRO A 231 3.24 2.38 6.95
N TRP A 232 2.25 2.60 7.80
CA TRP A 232 1.01 1.83 7.74
C TRP A 232 0.05 2.34 6.67
N MET A 233 0.39 3.42 5.97
CA MET A 233 -0.46 3.99 4.93
C MET A 233 -0.16 3.29 3.61
N LYS A 234 -1.12 2.49 3.13
CA LYS A 234 -0.97 1.74 1.91
C LYS A 234 -1.76 2.30 0.74
N HIS A 235 -2.63 3.28 0.98
CA HIS A 235 -3.46 3.88 -0.06
C HIS A 235 -3.16 5.37 -0.16
N PHE A 236 -3.36 5.94 -1.35
CA PHE A 236 -3.45 7.38 -1.44
C PHE A 236 -4.87 7.81 -1.09
N ILE A 237 -4.98 9.02 -0.56
CA ILE A 237 -6.28 9.59 -0.20
C ILE A 237 -6.30 11.04 -0.66
N LEU A 238 -7.10 11.34 -1.66
CA LEU A 238 -7.22 12.68 -2.22
C LEU A 238 -8.63 13.20 -1.97
N THR A 239 -8.73 14.37 -1.34
CA THR A 239 -10.00 15.01 -1.11
C THR A 239 -10.14 16.22 -2.03
N HIS A 240 -11.38 16.64 -2.26
CA HIS A 240 -11.66 17.72 -3.19
C HIS A 240 -12.78 18.61 -2.66
N ASP A 241 -12.53 19.92 -2.70
CA ASP A 241 -13.57 20.92 -2.56
C ASP A 241 -13.40 21.86 -3.75
N PRO A 242 -14.05 21.55 -4.88
CA PRO A 242 -13.78 22.31 -6.11
C PRO A 242 -14.06 23.80 -6.00
N GLU A 243 -14.82 24.24 -4.99
CA GLU A 243 -14.98 25.67 -4.76
C GLU A 243 -13.71 26.31 -4.20
N ARG A 244 -12.86 25.52 -3.53
CA ARG A 244 -11.57 26.00 -3.06
C ARG A 244 -10.47 25.87 -4.10
N GLY A 245 -10.73 25.19 -5.20
CA GLY A 245 -9.72 24.98 -6.22
C GLY A 245 -9.08 23.61 -6.10
N ILE A 246 -8.55 23.12 -7.23
CA ILE A 246 -7.94 21.80 -7.24
C ILE A 246 -6.70 21.79 -6.36
N TYR A 247 -6.54 20.72 -5.59
CA TYR A 247 -5.41 20.54 -4.68
C TYR A 247 -5.30 21.66 -3.66
N ASN A 248 -6.43 22.31 -3.34
CA ASN A 248 -6.54 23.16 -2.16
C ASN A 248 -7.25 22.43 -1.02
N SER A 249 -7.30 21.11 -1.10
CA SER A 249 -7.92 20.19 -0.16
C SER A 249 -6.88 19.16 0.24
N PRO A 250 -6.98 18.61 1.46
CA PRO A 250 -5.93 17.69 1.94
C PRO A 250 -5.79 16.46 1.05
N TYR A 251 -4.54 16.04 0.84
CA TYR A 251 -4.29 14.76 0.22
C TYR A 251 -3.14 14.05 0.93
N ILE A 252 -3.14 12.72 0.82
CA ILE A 252 -2.16 11.85 1.46
C ILE A 252 -1.64 10.88 0.40
N ILE A 253 -0.34 10.94 0.11
CA ILE A 253 0.23 10.15 -0.97
C ILE A 253 1.45 9.40 -0.46
N PRO A 254 1.35 8.10 -0.15
CA PRO A 254 2.52 7.35 0.29
C PRO A 254 3.55 7.24 -0.83
N GLY A 255 4.79 7.58 -0.52
CA GLY A 255 5.90 7.38 -1.42
C GLY A 255 6.51 6.01 -1.25
N THR A 256 7.77 5.88 -1.65
CA THR A 256 8.49 4.65 -1.39
C THR A 256 9.07 4.61 0.02
N GLN A 257 9.52 5.76 0.53
CA GLN A 257 10.14 5.84 1.84
C GLN A 257 9.23 6.46 2.89
N THR A 258 8.49 7.49 2.51
CA THR A 258 7.67 8.25 3.45
C THR A 258 6.31 8.47 2.80
N VAL A 259 5.49 9.30 3.45
CA VAL A 259 4.18 9.66 2.96
C VAL A 259 4.16 11.16 2.72
N THR A 260 3.61 11.58 1.58
CA THR A 260 3.48 12.98 1.24
C THR A 260 2.13 13.50 1.72
N LEU A 261 2.16 14.56 2.52
CA LEU A 261 0.96 15.28 2.92
C LEU A 261 0.95 16.62 2.20
N GLY A 262 -0.21 16.99 1.67
CA GLY A 262 -0.29 18.21 0.91
C GLY A 262 -1.70 18.76 0.88
N GLY A 263 -1.91 19.71 -0.03
CA GLY A 263 -3.20 20.32 -0.21
C GLY A 263 -3.13 21.84 -0.30
N ILE A 264 -2.19 22.37 -1.08
CA ILE A 264 -2.05 23.82 -1.25
C ILE A 264 -1.76 24.13 -2.71
N PHE A 265 -2.58 25.03 -3.28
CA PHE A 265 -2.49 25.43 -4.68
C PHE A 265 -2.75 26.93 -4.72
N GLN A 266 -1.68 27.72 -4.79
CA GLN A 266 -1.76 29.18 -4.70
C GLN A 266 -1.34 29.80 -6.03
N LEU A 267 -2.31 30.36 -6.74
CA LEU A 267 -2.03 30.94 -8.05
C LEU A 267 -1.28 32.27 -7.88
N GLY A 268 -0.19 32.42 -8.64
CA GLY A 268 0.55 33.66 -8.68
C GLY A 268 1.54 33.89 -7.54
N ASN A 269 1.71 32.93 -6.65
CA ASN A 269 2.63 33.07 -5.52
C ASN A 269 4.00 32.53 -5.90
N TRP A 270 5.01 33.40 -5.85
CA TRP A 270 6.38 33.03 -6.22
C TRP A 270 7.27 32.77 -5.01
N SER A 271 6.71 32.75 -3.80
CA SER A 271 7.53 32.54 -2.60
C SER A 271 7.97 31.08 -2.53
N GLU A 272 9.28 30.86 -2.61
CA GLU A 272 9.84 29.52 -2.52
C GLU A 272 10.03 29.06 -1.07
N LEU A 273 9.80 29.94 -0.11
CA LEU A 273 9.98 29.59 1.29
C LEU A 273 8.75 28.86 1.82
N ASN A 274 8.97 27.98 2.78
CA ASN A 274 7.87 27.30 3.44
C ASN A 274 7.08 28.30 4.28
N ASN A 275 5.75 28.18 4.24
CA ASN A 275 4.86 29.08 4.94
C ASN A 275 4.30 28.39 6.18
N ILE A 276 4.19 29.15 7.27
CA ILE A 276 3.82 28.55 8.55
C ILE A 276 2.33 28.22 8.60
N GLN A 277 1.48 29.08 8.03
CA GLN A 277 0.06 28.75 7.97
C GLN A 277 -0.20 27.58 7.04
N ASP A 278 0.52 27.55 5.91
CA ASP A 278 0.41 26.41 4.99
C ASP A 278 0.83 25.12 5.67
N HIS A 279 1.88 25.17 6.49
CA HIS A 279 2.28 24.00 7.26
C HIS A 279 1.16 23.51 8.16
N ASN A 280 0.51 24.43 8.88
CA ASN A 280 -0.60 24.05 9.73
C ASN A 280 -1.78 23.55 8.91
N THR A 281 -2.04 24.18 7.76
CA THR A 281 -3.16 23.77 6.92
C THR A 281 -2.99 22.33 6.44
N ILE A 282 -1.78 21.97 6.02
CA ILE A 282 -1.51 20.59 5.58
C ILE A 282 -1.73 19.61 6.73
N TRP A 283 -1.14 19.91 7.89
CA TRP A 283 -1.18 18.98 9.01
C TRP A 283 -2.60 18.86 9.58
N GLU A 284 -3.23 20.01 9.86
CA GLU A 284 -4.62 20.02 10.29
C GLU A 284 -5.48 19.16 9.37
N GLY A 285 -5.53 19.51 8.08
CA GLY A 285 -6.45 18.86 7.17
C GLY A 285 -6.19 17.38 7.02
N CYS A 286 -4.93 16.98 6.93
CA CYS A 286 -4.63 15.56 6.74
C CYS A 286 -4.91 14.75 7.98
N CYS A 287 -4.71 15.32 9.17
CA CYS A 287 -5.04 14.62 10.41
C CYS A 287 -6.55 14.47 10.57
N ARG A 288 -7.32 15.47 10.15
CA ARG A 288 -8.78 15.32 10.14
C ARG A 288 -9.21 14.24 9.16
N LEU A 289 -8.52 14.15 8.02
CA LEU A 289 -8.84 13.13 7.02
C LEU A 289 -8.43 11.74 7.51
N GLU A 290 -7.25 11.63 8.11
CA GLU A 290 -6.69 10.35 8.53
C GLU A 290 -6.10 10.51 9.92
N PRO A 291 -6.89 10.26 10.97
CA PRO A 291 -6.43 10.56 12.33
C PRO A 291 -5.21 9.76 12.76
N THR A 292 -4.87 8.66 12.08
CA THR A 292 -3.68 7.91 12.44
C THR A 292 -2.40 8.72 12.26
N LEU A 293 -2.43 9.75 11.41
CA LEU A 293 -1.25 10.56 11.16
C LEU A 293 -0.78 11.32 12.40
N LYS A 294 -1.61 11.45 13.44
CA LYS A 294 -1.16 12.06 14.68
C LYS A 294 0.02 11.34 15.28
N ASN A 295 0.23 10.07 14.91
CA ASN A 295 1.37 9.28 15.36
C ASN A 295 2.54 9.32 14.38
N ALA A 296 2.45 10.12 13.33
CA ALA A 296 3.47 10.14 12.29
C ALA A 296 4.57 11.13 12.63
N ARG A 297 5.80 10.79 12.23
CA ARG A 297 6.96 11.65 12.40
C ARG A 297 7.17 12.50 11.15
N ILE A 298 7.24 13.81 11.34
CA ILE A 298 7.50 14.71 10.21
C ILE A 298 8.96 14.63 9.82
N ILE A 299 9.22 14.35 8.55
CA ILE A 299 10.58 14.24 8.05
C ILE A 299 11.07 15.54 7.44
N GLY A 300 10.26 16.19 6.63
CA GLY A 300 10.68 17.41 5.97
C GLY A 300 9.50 18.11 5.35
N GLU A 301 9.79 19.26 4.73
CA GLU A 301 8.77 20.11 4.13
C GLU A 301 9.39 20.88 2.99
N ARG A 302 8.68 20.96 1.86
CA ARG A 302 9.22 21.55 0.65
C ARG A 302 8.15 22.39 -0.05
N THR A 303 8.63 23.34 -0.86
CA THR A 303 7.78 24.22 -1.65
C THR A 303 8.16 24.13 -3.12
N GLY A 304 7.16 24.07 -3.99
CA GLY A 304 7.39 24.06 -5.43
C GLY A 304 6.36 24.90 -6.15
N PHE A 305 6.57 25.05 -7.46
CA PHE A 305 5.71 25.89 -8.29
C PHE A 305 5.20 25.07 -9.48
N ARG A 306 3.90 24.79 -9.50
CA ARG A 306 3.31 24.14 -10.66
C ARG A 306 3.26 25.09 -11.84
N PRO A 307 3.74 24.69 -13.02
CA PRO A 307 3.65 25.57 -14.20
C PRO A 307 2.24 25.62 -14.76
N VAL A 308 1.40 26.49 -14.21
CA VAL A 308 -0.03 26.50 -14.55
C VAL A 308 -0.24 27.23 -15.86
N ARG A 309 -1.08 26.64 -16.73
CA ARG A 309 -1.44 27.21 -18.02
C ARG A 309 -2.78 26.61 -18.40
N PRO A 310 -3.67 27.36 -19.06
CA PRO A 310 -4.97 26.79 -19.45
C PRO A 310 -4.84 25.50 -20.25
N GLN A 311 -3.75 25.35 -20.99
CA GLN A 311 -3.40 24.10 -21.63
C GLN A 311 -1.89 24.07 -21.79
N ILE A 312 -1.35 22.86 -21.98
CA ILE A 312 0.08 22.72 -22.18
C ILE A 312 0.47 23.40 -23.49
N ARG A 313 1.56 24.19 -23.44
CA ARG A 313 2.16 24.75 -24.65
C ARG A 313 3.10 23.69 -25.23
N LEU A 314 2.63 23.00 -26.27
CA LEU A 314 3.42 21.97 -26.95
C LEU A 314 3.25 22.24 -28.44
N GLU A 315 4.17 23.03 -29.00
CA GLU A 315 4.05 23.49 -30.37
C GLU A 315 5.41 23.96 -30.87
N ARG A 316 5.53 24.02 -32.19
CA ARG A 316 6.74 24.50 -32.84
C ARG A 316 6.65 26.01 -33.02
N GLU A 317 7.81 26.66 -33.04
CA GLU A 317 7.85 28.10 -33.20
C GLU A 317 9.16 28.52 -33.83
N GLN A 318 9.06 29.34 -34.88
CA GLN A 318 10.25 29.96 -35.47
C GLN A 318 10.73 31.10 -34.58
N LEU A 319 12.04 31.17 -34.37
CA LEU A 319 12.62 32.27 -33.62
C LEU A 319 12.68 33.50 -34.52
N ARG A 320 11.79 34.46 -34.26
CA ARG A 320 11.74 35.70 -35.03
C ARG A 320 12.67 36.78 -34.47
N THR A 321 13.82 36.38 -33.92
CA THR A 321 14.75 37.33 -33.34
C THR A 321 16.16 36.82 -33.57
N GLY A 322 17.01 37.66 -34.15
CA GLY A 322 18.37 37.28 -34.49
C GLY A 322 18.53 37.03 -35.97
N PRO A 323 19.78 36.95 -36.44
CA PRO A 323 20.01 36.70 -37.87
C PRO A 323 19.63 35.31 -38.32
N SER A 324 19.62 34.33 -37.41
CA SER A 324 19.24 32.97 -37.74
C SER A 324 17.80 32.74 -37.34
N ASN A 325 17.07 31.98 -38.14
CA ASN A 325 15.78 31.44 -37.72
C ASN A 325 15.97 30.03 -37.13
N THR A 326 15.91 29.95 -35.81
CA THR A 326 16.08 28.71 -35.08
C THR A 326 14.72 28.17 -34.67
N GLU A 327 14.54 26.86 -34.85
CA GLU A 327 13.30 26.22 -34.48
C GLU A 327 13.26 26.01 -32.98
N VAL A 328 12.15 26.39 -32.36
CA VAL A 328 11.91 26.16 -30.94
C VAL A 328 10.74 25.21 -30.81
N ILE A 329 10.95 24.11 -30.10
CA ILE A 329 9.88 23.22 -29.67
C ILE A 329 9.58 23.59 -28.22
N HIS A 330 8.42 24.19 -27.98
CA HIS A 330 7.99 24.48 -26.63
C HIS A 330 7.36 23.24 -26.01
N ASN A 331 7.61 23.03 -24.71
CA ASN A 331 7.06 21.91 -23.96
C ASN A 331 7.07 22.31 -22.48
N TYR A 332 6.08 23.12 -22.10
CA TYR A 332 5.99 23.64 -20.76
C TYR A 332 4.53 23.92 -20.42
N GLY A 333 4.27 24.19 -19.15
CA GLY A 333 2.92 24.46 -18.70
C GLY A 333 2.13 23.23 -18.34
N HIS A 334 2.78 22.24 -17.72
CA HIS A 334 2.13 21.00 -17.37
C HIS A 334 1.41 21.05 -16.03
N GLY A 335 1.42 22.19 -15.35
CA GLY A 335 0.63 22.38 -14.14
C GLY A 335 0.96 21.37 -13.07
N GLY A 336 -0.08 20.76 -12.50
CA GLY A 336 0.09 19.78 -11.44
C GLY A 336 0.07 18.35 -11.94
N TYR A 337 0.39 18.13 -13.21
CA TYR A 337 0.37 16.78 -13.76
C TYR A 337 1.52 16.54 -14.74
N GLY A 338 2.69 17.13 -14.46
CA GLY A 338 3.84 16.95 -15.34
C GLY A 338 4.34 15.51 -15.36
N LEU A 339 4.46 14.89 -14.18
CA LEU A 339 4.80 13.48 -14.13
C LEU A 339 3.75 12.63 -14.83
N THR A 340 2.47 12.99 -14.62
CA THR A 340 1.35 12.23 -15.16
C THR A 340 1.36 12.18 -16.69
N ILE A 341 1.88 13.21 -17.36
CA ILE A 341 1.68 13.41 -18.78
C ILE A 341 2.98 13.46 -19.57
N HIS A 342 4.14 13.34 -18.90
CA HIS A 342 5.41 13.72 -19.52
C HIS A 342 5.71 12.90 -20.78
N TRP A 343 5.38 11.61 -20.77
CA TRP A 343 5.82 10.76 -21.87
C TRP A 343 5.05 11.03 -23.15
N GLY A 344 3.73 11.18 -23.06
CA GLY A 344 2.95 11.54 -24.22
C GLY A 344 3.37 12.89 -24.80
N CYS A 345 3.68 13.84 -23.92
CA CYS A 345 4.20 15.13 -24.38
C CYS A 345 5.57 14.98 -25.01
N ALA A 346 6.42 14.13 -24.44
CA ALA A 346 7.72 13.87 -25.05
C ALA A 346 7.55 13.23 -26.42
N LEU A 347 6.58 12.33 -26.56
CA LEU A 347 6.30 11.72 -27.85
C LEU A 347 5.83 12.75 -28.86
N GLU A 348 5.01 13.70 -28.42
CA GLU A 348 4.49 14.72 -29.33
C GLU A 348 5.60 15.67 -29.76
N ALA A 349 6.45 16.09 -28.83
CA ALA A 349 7.59 16.93 -29.18
C ALA A 349 8.53 16.21 -30.13
N ALA A 350 8.67 14.89 -29.97
CA ALA A 350 9.50 14.12 -30.89
C ALA A 350 8.88 14.09 -32.28
N LYS A 351 7.56 14.03 -32.35
CA LYS A 351 6.88 14.10 -33.65
C LYS A 351 7.13 15.46 -34.31
N LEU A 352 7.17 16.53 -33.52
CA LEU A 352 7.46 17.84 -34.09
C LEU A 352 8.92 17.95 -34.52
N PHE A 353 9.84 17.37 -33.75
CA PHE A 353 11.24 17.34 -34.14
C PHE A 353 11.42 16.68 -35.50
N GLY A 354 10.74 15.55 -35.72
CA GLY A 354 10.84 14.87 -37.00
C GLY A 354 10.30 15.70 -38.14
N ARG A 355 9.22 16.45 -37.90
CA ARG A 355 8.70 17.35 -38.91
C ARG A 355 9.73 18.42 -39.26
N ILE A 356 10.53 18.86 -38.29
CA ILE A 356 11.62 19.78 -38.58
C ILE A 356 12.72 19.08 -39.37
N LEU A 357 13.07 17.87 -38.96
CA LEU A 357 14.14 17.13 -39.64
C LEU A 357 13.79 16.82 -41.08
N GLU A 358 12.50 16.63 -41.38
CA GLU A 358 12.09 16.35 -42.75
C GLU A 358 12.14 17.62 -43.59
N GLU A 359 11.61 18.73 -43.06
CA GLU A 359 11.59 19.98 -43.81
C GLU A 359 13.00 20.49 -44.09
N LYS A 360 13.90 20.37 -43.11
CA LYS A 360 15.28 20.76 -43.34
C LYS A 360 15.97 19.83 -44.34
N LYS A 361 15.50 18.59 -44.45
CA LYS A 361 16.04 17.62 -45.40
C LYS A 361 17.54 17.39 -45.21
N MET B 24 -15.18 -17.94 41.28
CA MET B 24 -15.10 -18.44 39.91
C MET B 24 -13.67 -18.32 39.37
N ARG B 25 -12.90 -19.39 39.52
CA ARG B 25 -11.51 -19.41 39.09
C ARG B 25 -11.42 -19.92 37.66
N VAL B 26 -10.82 -19.12 36.77
CA VAL B 26 -10.64 -19.48 35.37
C VAL B 26 -9.16 -19.36 35.04
N VAL B 27 -8.63 -20.36 34.34
CA VAL B 27 -7.24 -20.37 33.88
C VAL B 27 -7.25 -20.56 32.37
N VAL B 28 -6.76 -19.55 31.65
CA VAL B 28 -6.61 -19.62 30.21
C VAL B 28 -5.19 -20.08 29.90
N ILE B 29 -5.06 -21.15 29.14
CA ILE B 29 -3.75 -21.68 28.75
C ILE B 29 -3.49 -21.24 27.31
N GLY B 30 -2.51 -20.36 27.13
CA GLY B 30 -2.17 -19.89 25.79
C GLY B 30 -2.28 -18.37 25.72
N ALA B 31 -1.25 -17.75 25.13
CA ALA B 31 -1.19 -16.30 25.00
C ALA B 31 -1.13 -15.87 23.54
N GLY B 32 -1.54 -16.73 22.62
CA GLY B 32 -1.73 -16.35 21.24
C GLY B 32 -3.01 -15.56 21.09
N VAL B 33 -3.40 -15.35 19.82
CA VAL B 33 -4.57 -14.52 19.57
C VAL B 33 -5.83 -15.18 20.11
N ILE B 34 -5.89 -16.52 20.10
CA ILE B 34 -7.09 -17.22 20.54
C ILE B 34 -7.24 -17.09 22.04
N GLY B 35 -6.17 -17.35 22.80
CA GLY B 35 -6.27 -17.32 24.25
C GLY B 35 -6.53 -15.93 24.80
N LEU B 36 -5.76 -14.94 24.32
CA LEU B 36 -5.91 -13.59 24.84
C LEU B 36 -7.27 -12.99 24.48
N SER B 37 -7.74 -13.21 23.24
CA SER B 37 -9.04 -12.68 22.86
C SER B 37 -10.18 -13.39 23.59
N THR B 38 -10.03 -14.70 23.82
CA THR B 38 -11.03 -15.44 24.59
C THR B 38 -11.06 -14.96 26.03
N ALA B 39 -9.87 -14.80 26.64
CA ALA B 39 -9.81 -14.28 28.00
C ALA B 39 -10.45 -12.91 28.10
N LEU B 40 -10.19 -12.04 27.12
CA LEU B 40 -10.82 -10.72 27.10
C LEU B 40 -12.33 -10.83 26.99
N CYS B 41 -12.81 -11.63 26.04
CA CYS B 41 -14.25 -11.75 25.81
C CYS B 41 -14.96 -12.34 27.03
N ILE B 42 -14.31 -13.28 27.71
CA ILE B 42 -14.93 -13.89 28.89
C ILE B 42 -15.03 -12.86 30.01
N HIS B 43 -14.01 -12.02 30.17
CA HIS B 43 -14.02 -11.04 31.23
C HIS B 43 -15.07 -9.96 30.98
N GLU B 44 -15.06 -9.35 29.79
CA GLU B 44 -15.99 -8.25 29.53
C GLU B 44 -17.44 -8.69 29.62
N ARG B 45 -17.69 -10.00 29.54
CA ARG B 45 -19.06 -10.51 29.50
C ARG B 45 -19.54 -11.02 30.86
N TYR B 46 -18.65 -11.48 31.73
CA TYR B 46 -19.06 -12.12 32.98
C TYR B 46 -18.32 -11.55 34.19
N HIS B 47 -17.70 -10.38 34.04
CA HIS B 47 -17.01 -9.74 35.16
C HIS B 47 -17.99 -9.34 36.25
N SER B 48 -19.07 -8.66 35.87
CA SER B 48 -19.98 -8.09 36.86
C SER B 48 -20.77 -9.18 37.57
N VAL B 49 -21.40 -10.07 36.81
CA VAL B 49 -22.27 -11.11 37.37
C VAL B 49 -21.51 -12.09 38.24
N LEU B 50 -20.18 -12.01 38.29
CA LEU B 50 -19.34 -12.93 39.05
C LEU B 50 -18.33 -12.11 39.84
N GLN B 51 -18.59 -11.93 41.13
CA GLN B 51 -17.67 -11.23 42.01
C GLN B 51 -17.21 -12.17 43.11
N PRO B 52 -15.95 -12.64 43.10
CA PRO B 52 -14.89 -12.33 42.13
C PRO B 52 -14.90 -13.24 40.91
N LEU B 53 -14.40 -12.75 39.78
CA LEU B 53 -14.09 -13.56 38.61
C LEU B 53 -12.58 -13.55 38.47
N ASP B 54 -11.94 -14.65 38.86
CA ASP B 54 -10.48 -14.75 38.86
C ASP B 54 -10.04 -15.40 37.56
N ILE B 55 -9.51 -14.59 36.66
CA ILE B 55 -8.98 -15.06 35.37
C ILE B 55 -7.46 -14.93 35.39
N LYS B 56 -6.78 -16.01 35.04
CA LYS B 56 -5.33 -16.03 34.92
C LYS B 56 -4.96 -16.65 33.58
N VAL B 57 -3.88 -16.15 32.97
CA VAL B 57 -3.39 -16.64 31.70
C VAL B 57 -2.05 -17.34 31.94
N TYR B 58 -2.03 -18.65 31.76
CA TYR B 58 -0.81 -19.42 31.75
C TYR B 58 -0.35 -19.58 30.30
N ALA B 59 0.94 -19.39 30.05
CA ALA B 59 1.46 -19.60 28.71
C ALA B 59 2.95 -19.93 28.79
N ASP B 60 3.38 -20.87 27.96
CA ASP B 60 4.79 -21.18 27.84
C ASP B 60 5.54 -20.07 27.12
N HIS B 61 4.90 -19.44 26.13
CA HIS B 61 5.53 -18.41 25.34
C HIS B 61 4.54 -17.30 25.08
N PHE B 62 5.06 -16.09 24.90
CA PHE B 62 4.28 -14.89 24.62
C PHE B 62 4.80 -14.24 23.36
N THR B 63 4.06 -13.26 22.85
CA THR B 63 4.50 -12.54 21.68
C THR B 63 5.88 -11.93 21.94
N PRO B 64 6.77 -11.90 20.93
CA PRO B 64 6.60 -12.36 19.55
C PRO B 64 6.94 -13.83 19.31
N LEU B 65 6.80 -14.71 20.29
CA LEU B 65 7.20 -16.11 20.13
C LEU B 65 5.99 -17.05 20.07
N THR B 66 4.93 -16.63 19.38
CA THR B 66 3.77 -17.46 19.16
C THR B 66 3.51 -17.60 17.67
N THR B 67 2.73 -18.61 17.29
CA THR B 67 2.35 -18.76 15.89
C THR B 67 1.66 -17.51 15.36
N THR B 68 0.88 -16.84 16.22
CA THR B 68 0.20 -15.62 15.82
C THR B 68 1.19 -14.55 15.35
N ASP B 69 2.42 -14.58 15.86
CA ASP B 69 3.42 -13.58 15.49
C ASP B 69 4.12 -13.92 14.17
N VAL B 70 4.07 -15.18 13.73
CA VAL B 70 4.63 -15.51 12.43
C VAL B 70 3.71 -15.01 11.31
N ALA B 71 2.42 -14.88 11.59
CA ALA B 71 1.46 -14.51 10.55
C ALA B 71 1.69 -13.07 10.10
N ALA B 72 1.48 -12.82 8.81
CA ALA B 72 1.45 -11.44 8.35
C ALA B 72 0.24 -10.69 8.91
N GLY B 73 -0.84 -11.42 9.19
CA GLY B 73 -2.02 -10.82 9.78
C GLY B 73 -3.09 -10.39 8.81
N LEU B 74 -3.04 -10.87 7.56
CA LEU B 74 -4.07 -10.51 6.60
C LEU B 74 -5.39 -11.20 6.95
N TRP B 75 -6.47 -10.46 6.88
CA TRP B 75 -7.81 -11.03 7.03
C TRP B 75 -8.23 -11.65 5.70
N GLN B 76 -8.36 -12.97 5.68
CA GLN B 76 -8.96 -13.69 4.57
C GLN B 76 -9.26 -15.13 4.98
N PRO B 77 -10.52 -15.52 5.00
CA PRO B 77 -10.87 -16.88 5.44
C PRO B 77 -10.52 -17.91 4.37
N TYR B 78 -10.71 -19.17 4.73
CA TYR B 78 -10.55 -20.25 3.77
C TYR B 78 -11.49 -20.06 2.60
N LEU B 79 -11.16 -20.70 1.49
CA LEU B 79 -11.90 -20.52 0.25
C LEU B 79 -13.12 -21.42 0.13
N SER B 80 -13.30 -22.36 1.07
CA SER B 80 -14.44 -23.27 1.03
C SER B 80 -15.76 -22.52 1.12
N ASN B 84 -18.39 -26.76 8.76
CA ASN B 84 -18.92 -25.93 9.84
C ASN B 84 -19.25 -24.53 9.30
N PRO B 85 -20.53 -24.23 9.14
CA PRO B 85 -20.91 -22.92 8.60
C PRO B 85 -20.82 -21.77 9.60
N GLN B 86 -20.72 -22.07 10.90
CA GLN B 86 -20.45 -21.03 11.89
C GLN B 86 -19.13 -20.32 11.63
N GLU B 87 -18.20 -20.98 10.95
CA GLU B 87 -16.87 -20.41 10.73
C GLU B 87 -16.94 -19.18 9.84
N ALA B 88 -17.88 -19.13 8.89
CA ALA B 88 -18.05 -17.94 8.07
C ALA B 88 -18.56 -16.77 8.90
N ASP B 89 -19.44 -17.04 9.87
CA ASP B 89 -19.96 -16.00 10.73
C ASP B 89 -18.85 -15.46 11.64
N TRP B 90 -18.05 -16.35 12.23
CA TRP B 90 -17.00 -15.91 13.14
C TRP B 90 -15.97 -15.07 12.40
N SER B 91 -15.70 -15.39 11.15
CA SER B 91 -14.78 -14.59 10.36
C SER B 91 -15.36 -13.21 10.07
N GLN B 92 -16.65 -13.16 9.74
CA GLN B 92 -17.28 -11.88 9.42
C GLN B 92 -17.43 -11.01 10.67
N GLN B 93 -17.71 -11.63 11.82
CA GLN B 93 -17.75 -10.87 13.07
C GLN B 93 -16.39 -10.25 13.39
N THR B 94 -15.31 -11.00 13.12
CA THR B 94 -13.98 -10.47 13.38
C THR B 94 -13.68 -9.26 12.50
N PHE B 95 -14.01 -9.35 11.20
CA PHE B 95 -13.75 -8.24 10.29
C PHE B 95 -14.52 -6.98 10.70
N ASP B 96 -15.80 -7.14 11.06
CA ASP B 96 -16.60 -5.98 11.43
C ASP B 96 -16.08 -5.35 12.72
N TYR B 97 -15.63 -6.18 13.65
CA TYR B 97 -15.09 -5.67 14.91
C TYR B 97 -13.77 -4.94 14.67
N LEU B 98 -12.91 -5.47 13.79
CA LEU B 98 -11.64 -4.81 13.50
C LEU B 98 -11.86 -3.56 12.66
N LEU B 99 -12.77 -3.62 11.69
CA LEU B 99 -13.01 -2.47 10.81
C LEU B 99 -13.49 -1.26 11.58
N SER B 100 -14.18 -1.46 12.70
CA SER B 100 -14.65 -0.32 13.49
C SER B 100 -13.51 0.42 14.20
N HIS B 101 -12.28 -0.06 14.09
CA HIS B 101 -11.13 0.56 14.75
C HIS B 101 -10.16 1.21 13.77
N VAL B 102 -10.50 1.29 12.48
CA VAL B 102 -9.49 1.60 11.47
C VAL B 102 -8.92 3.00 11.68
N HIS B 103 -9.78 3.97 11.94
CA HIS B 103 -9.34 5.35 12.14
C HIS B 103 -9.25 5.73 13.61
N SER B 104 -9.48 4.79 14.53
CA SER B 104 -9.41 5.09 15.95
C SER B 104 -7.98 5.43 16.35
N PRO B 105 -7.79 6.16 17.45
CA PRO B 105 -6.43 6.54 17.86
C PRO B 105 -5.54 5.36 18.21
N ASN B 106 -6.11 4.20 18.55
CA ASN B 106 -5.33 3.04 18.94
C ASN B 106 -4.98 2.12 17.78
N ALA B 107 -5.34 2.48 16.55
CA ALA B 107 -5.15 1.57 15.42
C ALA B 107 -3.69 1.17 15.26
N GLU B 108 -2.77 2.10 15.52
CA GLU B 108 -1.35 1.76 15.46
C GLU B 108 -0.96 0.85 16.62
N ASN B 109 -1.52 1.11 17.80
CA ASN B 109 -1.27 0.22 18.93
C ASN B 109 -1.84 -1.18 18.69
N LEU B 110 -2.96 -1.26 17.96
CA LEU B 110 -3.48 -2.56 17.59
C LEU B 110 -2.70 -3.22 16.47
N GLY B 111 -1.93 -2.45 15.71
CA GLY B 111 -1.26 -2.98 14.53
C GLY B 111 -2.17 -3.17 13.34
N LEU B 112 -3.25 -2.38 13.25
CA LEU B 112 -4.29 -2.57 12.26
C LEU B 112 -4.25 -1.46 11.22
N PHE B 113 -4.42 -1.84 9.95
CA PHE B 113 -4.50 -0.88 8.85
C PHE B 113 -5.16 -1.55 7.66
N LEU B 114 -5.71 -0.72 6.77
CA LEU B 114 -6.35 -1.22 5.56
C LEU B 114 -5.32 -1.56 4.51
N ILE B 115 -5.67 -2.49 3.62
CA ILE B 115 -4.80 -2.86 2.51
C ILE B 115 -5.64 -3.54 1.44
N SER B 116 -5.40 -3.17 0.19
CA SER B 116 -6.02 -3.79 -0.97
C SER B 116 -5.03 -4.70 -1.66
N GLY B 117 -5.54 -5.64 -2.45
CA GLY B 117 -4.62 -6.54 -3.12
C GLY B 117 -5.32 -7.54 -4.02
N TYR B 118 -4.50 -8.44 -4.56
CA TYR B 118 -4.90 -9.35 -5.62
C TYR B 118 -4.95 -10.79 -5.11
N ASN B 119 -5.99 -11.51 -5.51
CA ASN B 119 -6.06 -12.96 -5.38
C ASN B 119 -6.04 -13.54 -6.79
N LEU B 120 -5.05 -14.38 -7.08
CA LEU B 120 -4.80 -14.83 -8.45
C LEU B 120 -5.04 -16.34 -8.58
N PHE B 121 -5.73 -16.73 -9.65
CA PHE B 121 -6.06 -18.12 -9.90
C PHE B 121 -5.69 -18.49 -11.33
N HIS B 122 -5.45 -19.78 -11.54
CA HIS B 122 -5.18 -20.26 -12.89
C HIS B 122 -6.45 -20.45 -13.71
N GLU B 123 -7.60 -20.58 -13.05
CA GLU B 123 -8.87 -20.75 -13.74
C GLU B 123 -9.95 -19.99 -13.00
N ALA B 124 -11.09 -19.81 -13.67
CA ALA B 124 -12.22 -19.13 -13.06
C ALA B 124 -12.72 -19.90 -11.84
N ILE B 125 -13.09 -19.15 -10.80
CA ILE B 125 -13.61 -19.72 -9.55
C ILE B 125 -14.79 -18.89 -9.07
N PRO B 126 -15.78 -19.55 -8.48
CA PRO B 126 -16.93 -18.80 -7.95
C PRO B 126 -16.52 -17.83 -6.85
N ASP B 127 -17.38 -16.85 -6.60
CA ASP B 127 -17.11 -15.84 -5.59
C ASP B 127 -17.06 -16.49 -4.21
N PRO B 128 -16.24 -15.97 -3.31
CA PRO B 128 -16.19 -16.51 -1.94
C PRO B 128 -17.40 -16.03 -1.13
N SER B 129 -17.67 -16.80 -0.07
CA SER B 129 -18.79 -16.47 0.80
C SER B 129 -18.62 -15.10 1.44
N TRP B 130 -17.38 -14.72 1.76
CA TRP B 130 -17.08 -13.45 2.41
C TRP B 130 -16.98 -12.29 1.42
N LYS B 131 -17.53 -12.42 0.21
CA LYS B 131 -17.32 -11.39 -0.81
C LYS B 131 -17.94 -10.06 -0.41
N ASP B 132 -19.02 -10.08 0.37
CA ASP B 132 -19.67 -8.85 0.80
C ASP B 132 -19.18 -8.36 2.15
N THR B 133 -18.29 -9.10 2.81
CA THR B 133 -17.74 -8.66 4.09
C THR B 133 -16.58 -7.69 3.88
N VAL B 134 -15.70 -7.97 2.92
CA VAL B 134 -14.59 -7.08 2.60
C VAL B 134 -15.12 -5.84 1.88
N LEU B 135 -14.23 -4.89 1.57
CA LEU B 135 -14.59 -3.63 0.97
C LEU B 135 -14.26 -3.63 -0.52
N GLY B 136 -15.25 -3.30 -1.34
CA GLY B 136 -15.05 -3.16 -2.77
C GLY B 136 -14.56 -4.41 -3.48
N PHE B 137 -15.15 -5.56 -3.15
CA PHE B 137 -14.78 -6.80 -3.82
C PHE B 137 -15.23 -6.75 -5.28
N ARG B 138 -14.34 -7.17 -6.18
CA ARG B 138 -14.68 -7.18 -7.59
C ARG B 138 -13.71 -8.11 -8.31
N LYS B 139 -14.07 -8.45 -9.55
CA LYS B 139 -13.19 -9.22 -10.41
C LYS B 139 -12.08 -8.33 -10.97
N LEU B 140 -10.99 -8.97 -11.36
CA LEU B 140 -9.89 -8.25 -12.00
C LEU B 140 -10.22 -7.99 -13.46
N THR B 141 -9.84 -6.82 -13.95
CA THR B 141 -10.06 -6.46 -15.34
C THR B 141 -8.98 -7.08 -16.22
N PRO B 142 -9.26 -7.25 -17.52
CA PRO B 142 -8.25 -7.83 -18.41
C PRO B 142 -6.91 -7.11 -18.36
N ARG B 143 -6.92 -5.77 -18.27
CA ARG B 143 -5.68 -5.02 -18.19
C ARG B 143 -4.93 -5.33 -16.91
N GLU B 144 -5.65 -5.62 -15.83
CA GLU B 144 -5.00 -6.03 -14.58
C GLU B 144 -4.40 -7.42 -14.70
N LEU B 145 -5.18 -8.37 -15.23
CA LEU B 145 -4.71 -9.73 -15.37
C LEU B 145 -3.50 -9.84 -16.30
N ASP B 146 -3.34 -8.87 -17.20
CA ASP B 146 -2.16 -8.86 -18.06
C ASP B 146 -0.86 -8.65 -17.28
N MET B 147 -0.94 -8.09 -16.07
CA MET B 147 0.27 -7.90 -15.27
C MET B 147 0.77 -9.20 -14.66
N PHE B 148 -0.05 -10.24 -14.65
CA PHE B 148 0.31 -11.52 -14.03
C PHE B 148 0.14 -12.62 -15.07
N PRO B 149 1.15 -12.82 -15.93
CA PRO B 149 0.99 -13.78 -17.04
C PRO B 149 0.75 -15.22 -16.58
N ASP B 150 1.09 -15.57 -15.35
CA ASP B 150 0.89 -16.93 -14.88
C ASP B 150 -0.55 -17.23 -14.51
N TYR B 151 -1.43 -16.23 -14.51
CA TYR B 151 -2.78 -16.39 -14.00
C TYR B 151 -3.78 -15.74 -14.95
N GLY B 152 -4.95 -16.35 -15.10
CA GLY B 152 -5.95 -15.88 -16.03
C GLY B 152 -7.22 -15.38 -15.37
N TYR B 153 -7.29 -15.48 -14.04
CA TYR B 153 -8.47 -15.01 -13.32
C TYR B 153 -8.04 -14.49 -11.96
N GLY B 154 -8.87 -13.65 -11.36
CA GLY B 154 -8.57 -13.19 -10.03
C GLY B 154 -9.58 -12.21 -9.49
N TRP B 155 -9.31 -11.77 -8.26
CA TRP B 155 -10.13 -10.80 -7.54
C TRP B 155 -9.29 -9.60 -7.13
N PHE B 156 -10.00 -8.53 -6.77
CA PHE B 156 -9.42 -7.38 -6.11
C PHE B 156 -10.38 -6.92 -5.03
N HIS B 157 -9.87 -6.62 -3.85
CA HIS B 157 -10.71 -6.12 -2.78
C HIS B 157 -9.82 -5.45 -1.74
N THR B 158 -10.48 -4.85 -0.75
CA THR B 158 -9.80 -4.16 0.33
C THR B 158 -10.07 -4.92 1.62
N SER B 159 -9.01 -5.25 2.34
CA SER B 159 -9.13 -6.02 3.58
C SER B 159 -8.34 -5.30 4.66
N LEU B 160 -7.94 -6.04 5.69
CA LEU B 160 -7.25 -5.49 6.84
C LEU B 160 -6.07 -6.38 7.20
N ILE B 161 -5.04 -5.76 7.75
CA ILE B 161 -3.92 -6.49 8.33
C ILE B 161 -3.90 -6.19 9.83
N LEU B 162 -3.86 -7.25 10.63
CA LEU B 162 -3.76 -7.14 12.08
C LEU B 162 -2.43 -7.79 12.46
N GLU B 163 -1.43 -6.98 12.79
CA GLU B 163 -0.11 -7.51 13.09
C GLU B 163 -0.06 -8.00 14.52
N GLY B 164 0.18 -9.31 14.69
CA GLY B 164 0.13 -9.91 16.00
C GLY B 164 1.11 -9.31 16.98
N LYS B 165 2.29 -8.90 16.51
CA LYS B 165 3.28 -8.33 17.40
C LYS B 165 2.73 -7.13 18.18
N ASN B 166 1.79 -6.39 17.58
CA ASN B 166 1.15 -5.28 18.27
C ASN B 166 -0.17 -5.70 18.93
N TYR B 167 -1.00 -6.48 18.22
CA TYR B 167 -2.31 -6.83 18.72
C TYR B 167 -2.22 -7.65 20.00
N LEU B 168 -1.24 -8.55 20.08
CA LEU B 168 -1.08 -9.36 21.30
C LEU B 168 -0.63 -8.50 22.47
N GLN B 169 0.23 -7.52 22.23
CA GLN B 169 0.58 -6.57 23.29
C GLN B 169 -0.62 -5.74 23.68
N TRP B 170 -1.44 -5.34 22.70
CA TRP B 170 -2.63 -4.55 22.99
C TRP B 170 -3.60 -5.33 23.87
N LEU B 171 -3.88 -6.59 23.49
CA LEU B 171 -4.79 -7.42 24.28
C LEU B 171 -4.24 -7.63 25.69
N THR B 172 -2.94 -7.94 25.80
CA THR B 172 -2.31 -8.10 27.10
C THR B 172 -2.55 -6.88 27.98
N GLU B 173 -2.39 -5.68 27.43
CA GLU B 173 -2.59 -4.47 28.22
C GLU B 173 -4.05 -4.30 28.61
N ARG B 174 -4.98 -4.60 27.70
CA ARG B 174 -6.39 -4.56 28.07
C ARG B 174 -6.72 -5.59 29.13
N LEU B 175 -6.03 -6.72 29.12
CA LEU B 175 -6.28 -7.75 30.13
C LEU B 175 -5.73 -7.36 31.49
N THR B 176 -4.49 -6.86 31.53
CA THR B 176 -3.88 -6.54 32.81
C THR B 176 -4.64 -5.44 33.54
N GLU B 177 -5.10 -4.43 32.80
CA GLU B 177 -5.87 -3.36 33.43
C GLU B 177 -7.23 -3.84 33.93
N ARG B 178 -7.71 -4.97 33.44
CA ARG B 178 -8.92 -5.59 33.95
C ARG B 178 -8.66 -6.58 35.08
N GLY B 179 -7.42 -6.64 35.56
CA GLY B 179 -7.09 -7.51 36.67
C GLY B 179 -6.67 -8.92 36.29
N VAL B 180 -6.50 -9.19 35.00
CA VAL B 180 -6.09 -10.52 34.54
C VAL B 180 -4.59 -10.66 34.74
N LYS B 181 -4.18 -11.68 35.49
CA LYS B 181 -2.77 -11.90 35.79
C LYS B 181 -2.17 -12.91 34.82
N PHE B 182 -0.91 -12.68 34.46
CA PHE B 182 -0.19 -13.50 33.50
C PHE B 182 0.93 -14.26 34.21
N PHE B 183 1.19 -15.48 33.74
CA PHE B 183 2.22 -16.33 34.34
C PHE B 183 2.92 -17.14 33.25
N GLN B 184 4.24 -17.16 33.29
CA GLN B 184 5.07 -17.92 32.36
C GLN B 184 5.27 -19.32 32.91
N ARG B 185 4.61 -20.31 32.31
CA ARG B 185 4.79 -21.69 32.74
C ARG B 185 4.28 -22.63 31.66
N LYS B 186 4.95 -23.78 31.55
CA LYS B 186 4.53 -24.84 30.63
C LYS B 186 3.63 -25.81 31.40
N VAL B 187 2.35 -25.83 31.04
CA VAL B 187 1.38 -26.71 31.67
C VAL B 187 1.63 -28.14 31.19
N GLU B 188 1.85 -29.06 32.14
CA GLU B 188 2.10 -30.45 31.78
C GLU B 188 0.80 -31.24 31.55
N SER B 189 -0.28 -30.85 32.22
CA SER B 189 -1.55 -31.53 32.06
C SER B 189 -2.66 -30.63 32.56
N PHE B 190 -3.88 -30.89 32.07
CA PHE B 190 -5.04 -30.20 32.59
C PHE B 190 -5.20 -30.45 34.09
N GLU B 191 -4.89 -31.68 34.53
CA GLU B 191 -5.12 -32.04 35.92
C GLU B 191 -4.25 -31.22 36.87
N GLU B 192 -3.01 -30.93 36.47
CA GLU B 192 -2.13 -30.13 37.32
C GLU B 192 -2.75 -28.76 37.61
N VAL B 193 -3.43 -28.17 36.62
CA VAL B 193 -4.09 -26.88 36.83
C VAL B 193 -5.40 -27.06 37.61
N ALA B 194 -6.10 -28.17 37.39
CA ALA B 194 -7.33 -28.42 38.13
C ALA B 194 -7.05 -28.60 39.62
N ARG B 195 -5.99 -29.34 39.96
CA ARG B 195 -5.67 -29.57 41.36
C ARG B 195 -5.36 -28.27 42.09
N GLU B 196 -4.89 -27.26 41.37
CA GLU B 196 -4.59 -25.96 41.95
C GLU B 196 -5.83 -25.06 42.09
N GLY B 197 -7.03 -25.59 41.84
CA GLY B 197 -8.25 -24.88 42.14
C GLY B 197 -8.96 -24.24 40.97
N ALA B 198 -8.50 -24.46 39.75
CA ALA B 198 -9.17 -23.83 38.60
C ALA B 198 -10.51 -24.51 38.33
N ASP B 199 -11.57 -23.71 38.23
CA ASP B 199 -12.89 -24.27 37.96
C ASP B 199 -13.12 -24.47 36.48
N VAL B 200 -12.59 -23.58 35.65
CA VAL B 200 -12.74 -23.65 34.20
C VAL B 200 -11.37 -23.44 33.57
N ILE B 201 -10.99 -24.35 32.68
CA ILE B 201 -9.74 -24.26 31.93
C ILE B 201 -10.11 -23.99 30.47
N VAL B 202 -9.60 -22.90 29.93
CA VAL B 202 -9.79 -22.58 28.51
C VAL B 202 -8.51 -22.99 27.78
N ASN B 203 -8.62 -24.03 26.96
CA ASN B 203 -7.47 -24.64 26.29
C ASN B 203 -7.24 -23.94 24.96
N CYS B 204 -6.31 -22.99 24.94
CA CYS B 204 -6.00 -22.28 23.71
C CYS B 204 -4.55 -22.48 23.32
N THR B 205 -4.12 -23.73 23.27
CA THR B 205 -2.72 -24.10 23.07
C THR B 205 -2.37 -24.31 21.60
N GLY B 206 -3.25 -23.95 20.67
CA GLY B 206 -2.93 -24.01 19.25
C GLY B 206 -2.50 -25.39 18.79
N VAL B 207 -1.42 -25.41 18.01
CA VAL B 207 -0.94 -26.65 17.42
C VAL B 207 -0.36 -27.61 18.44
N TRP B 208 -0.14 -27.16 19.68
CA TRP B 208 0.40 -28.01 20.73
C TRP B 208 -0.68 -28.59 21.63
N ALA B 209 -1.96 -28.44 21.27
CA ALA B 209 -3.04 -28.98 22.10
C ALA B 209 -2.90 -30.49 22.31
N GLY B 210 -2.29 -31.19 21.35
CA GLY B 210 -2.14 -32.62 21.45
C GLY B 210 -1.28 -33.09 22.62
N ALA B 211 -0.38 -32.24 23.11
CA ALA B 211 0.41 -32.62 24.27
C ALA B 211 -0.43 -32.68 25.53
N LEU B 212 -1.57 -31.97 25.57
CA LEU B 212 -2.46 -31.98 26.71
C LEU B 212 -3.60 -32.99 26.58
N GLN B 213 -3.97 -33.35 25.34
CA GLN B 213 -4.96 -34.40 25.10
C GLN B 213 -4.79 -34.84 23.65
N ARG B 214 -4.61 -36.14 23.43
CA ARG B 214 -4.32 -36.61 22.08
C ARG B 214 -5.49 -36.32 21.15
N ASP B 215 -5.17 -35.69 20.01
CA ASP B 215 -6.17 -35.32 19.03
C ASP B 215 -5.61 -35.68 17.66
N PRO B 216 -5.95 -36.87 17.13
CA PRO B 216 -5.40 -37.28 15.83
C PRO B 216 -5.92 -36.46 14.66
N LEU B 217 -6.85 -35.52 14.89
CA LEU B 217 -7.29 -34.61 13.85
C LEU B 217 -6.45 -33.34 13.79
N LEU B 218 -5.65 -33.05 14.81
CA LEU B 218 -4.79 -31.88 14.85
C LEU B 218 -3.39 -32.25 14.39
N GLN B 219 -2.83 -31.45 13.49
CA GLN B 219 -1.51 -31.73 12.94
C GLN B 219 -0.83 -30.42 12.58
N PRO B 220 0.50 -30.36 12.61
CA PRO B 220 1.18 -29.10 12.29
C PRO B 220 1.16 -28.82 10.79
N GLY B 221 0.79 -27.60 10.44
CA GLY B 221 0.95 -27.11 9.09
C GLY B 221 2.14 -26.20 9.02
N ARG B 222 3.33 -26.77 8.86
CA ARG B 222 4.55 -25.99 8.94
C ARG B 222 4.61 -24.93 7.85
N GLY B 223 4.89 -23.72 8.25
CA GLY B 223 5.07 -22.62 7.30
C GLY B 223 6.34 -21.87 7.60
N GLN B 224 7.06 -21.53 6.54
CA GLN B 224 8.22 -20.66 6.62
C GLN B 224 7.92 -19.41 5.81
N ILE B 225 8.28 -18.24 6.36
CA ILE B 225 8.04 -16.97 5.70
C ILE B 225 9.33 -16.16 5.68
N MET B 226 9.27 -15.05 4.93
CA MET B 226 10.40 -14.16 4.71
C MET B 226 9.90 -12.75 4.95
N LYS B 227 10.68 -11.95 5.69
CA LYS B 227 10.37 -10.54 5.91
C LYS B 227 11.41 -9.70 5.17
N VAL B 228 10.97 -8.93 4.18
CA VAL B 228 11.89 -8.17 3.34
C VAL B 228 11.50 -6.69 3.39
N ASP B 229 12.51 -5.84 3.16
CA ASP B 229 12.29 -4.40 3.07
C ASP B 229 12.00 -4.08 1.61
N ALA B 230 10.72 -3.95 1.28
CA ALA B 230 10.28 -3.60 -0.08
C ALA B 230 9.13 -2.60 0.01
N PRO B 231 9.39 -1.41 0.58
CA PRO B 231 8.28 -0.52 0.96
C PRO B 231 7.51 0.05 -0.22
N TRP B 232 7.99 -0.11 -1.45
CA TRP B 232 7.20 0.29 -2.62
C TRP B 232 6.02 -0.63 -2.88
N MET B 233 5.97 -1.78 -2.21
CA MET B 233 4.88 -2.74 -2.40
C MET B 233 3.71 -2.32 -1.53
N LYS B 234 2.63 -1.84 -2.17
CA LYS B 234 1.47 -1.33 -1.45
C LYS B 234 0.29 -2.29 -1.45
N HIS B 235 0.35 -3.38 -2.22
CA HIS B 235 -0.76 -4.32 -2.33
C HIS B 235 -0.34 -5.68 -1.78
N PHE B 236 -1.31 -6.45 -1.31
CA PHE B 236 -1.04 -7.86 -1.14
C PHE B 236 -1.31 -8.60 -2.45
N ILE B 237 -0.64 -9.73 -2.62
CA ILE B 237 -0.86 -10.61 -3.76
C ILE B 237 -0.85 -12.03 -3.24
N LEU B 238 -1.99 -12.72 -3.36
CA LEU B 238 -2.10 -14.12 -3.00
C LEU B 238 -2.35 -14.93 -4.26
N THR B 239 -1.58 -16.00 -4.44
CA THR B 239 -1.78 -16.91 -5.57
C THR B 239 -2.38 -18.22 -5.08
N HIS B 240 -3.06 -18.92 -5.98
CA HIS B 240 -3.73 -20.17 -5.67
C HIS B 240 -3.39 -21.18 -6.74
N ASP B 241 -2.77 -22.29 -6.32
CA ASP B 241 -2.24 -23.29 -7.23
C ASP B 241 -2.69 -24.67 -6.74
N PRO B 242 -3.68 -25.28 -7.39
CA PRO B 242 -4.12 -26.61 -6.96
C PRO B 242 -3.07 -27.69 -7.15
N GLU B 243 -2.08 -27.44 -8.02
CA GLU B 243 -1.00 -28.41 -8.20
C GLU B 243 -0.05 -28.43 -7.01
N ARG B 244 0.10 -27.29 -6.32
CA ARG B 244 1.02 -27.19 -5.19
C ARG B 244 0.33 -27.34 -3.84
N GLY B 245 -0.94 -26.99 -3.74
CA GLY B 245 -1.70 -27.12 -2.50
C GLY B 245 -1.99 -25.78 -1.86
N ILE B 246 -2.86 -25.82 -0.86
CA ILE B 246 -3.30 -24.60 -0.18
C ILE B 246 -2.13 -24.02 0.61
N TYR B 247 -1.94 -22.71 0.49
CA TYR B 247 -0.85 -21.96 1.13
C TYR B 247 0.53 -22.50 0.76
N ASN B 248 0.61 -23.27 -0.33
CA ASN B 248 1.87 -23.72 -0.89
C ASN B 248 2.22 -22.98 -2.18
N SER B 249 1.59 -21.84 -2.41
CA SER B 249 1.84 -20.97 -3.55
C SER B 249 2.26 -19.59 -3.06
N PRO B 250 3.12 -18.91 -3.83
CA PRO B 250 3.70 -17.65 -3.35
C PRO B 250 2.66 -16.61 -2.97
N TYR B 251 2.94 -15.88 -1.90
CA TYR B 251 2.12 -14.74 -1.54
C TYR B 251 2.99 -13.61 -1.03
N ILE B 252 2.52 -12.38 -1.27
CA ILE B 252 3.21 -11.15 -0.91
C ILE B 252 2.25 -10.33 -0.06
N ILE B 253 2.62 -10.05 1.18
CA ILE B 253 1.76 -9.30 2.09
C ILE B 253 2.57 -8.21 2.77
N PRO B 254 2.38 -6.94 2.40
CA PRO B 254 3.14 -5.86 3.05
C PRO B 254 2.62 -5.58 4.45
N GLY B 255 3.54 -5.56 5.42
CA GLY B 255 3.24 -5.14 6.77
C GLY B 255 3.51 -3.67 6.97
N THR B 256 3.55 -3.26 8.24
CA THR B 256 3.87 -1.87 8.54
C THR B 256 5.32 -1.56 8.22
N GLN B 257 6.25 -2.42 8.64
CA GLN B 257 7.67 -2.14 8.45
C GLN B 257 8.32 -2.99 7.37
N THR B 258 7.87 -4.22 7.17
CA THR B 258 8.45 -5.11 6.17
C THR B 258 7.32 -5.76 5.37
N VAL B 259 7.71 -6.54 4.36
CA VAL B 259 6.78 -7.26 3.51
C VAL B 259 6.99 -8.74 3.73
N THR B 260 5.91 -9.47 3.99
CA THR B 260 5.99 -10.90 4.23
C THR B 260 5.96 -11.65 2.89
N LEU B 261 6.98 -12.47 2.65
CA LEU B 261 7.02 -13.35 1.50
C LEU B 261 6.79 -14.78 2.00
N GLY B 262 5.79 -15.44 1.43
CA GLY B 262 5.45 -16.78 1.91
C GLY B 262 4.93 -17.71 0.83
N GLY B 263 4.47 -18.88 1.26
CA GLY B 263 3.92 -19.86 0.35
C GLY B 263 4.47 -21.24 0.61
N ILE B 264 4.46 -21.67 1.87
CA ILE B 264 4.98 -22.97 2.26
C ILE B 264 3.98 -23.61 3.22
N PHE B 265 3.54 -24.82 2.88
CA PHE B 265 2.62 -25.59 3.71
C PHE B 265 3.08 -27.04 3.70
N GLN B 266 3.55 -27.52 4.85
CA GLN B 266 4.10 -28.86 4.98
C GLN B 266 3.39 -29.60 6.11
N LEU B 267 2.66 -30.65 5.77
CA LEU B 267 1.93 -31.42 6.77
C LEU B 267 2.88 -32.32 7.54
N GLY B 268 2.81 -32.26 8.87
CA GLY B 268 3.57 -33.16 9.72
C GLY B 268 5.03 -32.82 9.92
N ASN B 269 5.51 -31.70 9.37
CA ASN B 269 6.89 -31.28 9.55
C ASN B 269 6.99 -30.43 10.81
N TRP B 270 7.76 -30.91 11.79
CA TRP B 270 7.93 -30.24 13.06
C TRP B 270 9.23 -29.43 13.14
N SER B 271 9.94 -29.27 12.03
CA SER B 271 11.21 -28.55 12.05
C SER B 271 10.97 -27.07 12.28
N GLU B 272 11.45 -26.57 13.43
CA GLU B 272 11.28 -25.16 13.77
C GLU B 272 12.34 -24.27 13.14
N LEU B 273 13.32 -24.84 12.45
CA LEU B 273 14.39 -24.07 11.82
C LEU B 273 14.02 -23.72 10.39
N ASN B 274 14.44 -22.55 9.96
CA ASN B 274 14.34 -22.20 8.55
C ASN B 274 15.31 -23.06 7.75
N ASN B 275 14.88 -23.50 6.58
CA ASN B 275 15.74 -24.29 5.70
C ASN B 275 15.89 -23.58 4.36
N ILE B 276 17.00 -23.87 3.68
CA ILE B 276 17.36 -23.10 2.49
C ILE B 276 16.41 -23.41 1.34
N GLN B 277 16.02 -24.67 1.20
CA GLN B 277 15.12 -25.04 0.11
C GLN B 277 13.80 -24.28 0.19
N ASP B 278 13.28 -24.12 1.40
CA ASP B 278 12.04 -23.35 1.55
C ASP B 278 12.28 -21.87 1.29
N HIS B 279 13.45 -21.36 1.69
CA HIS B 279 13.81 -19.98 1.39
C HIS B 279 13.86 -19.75 -0.12
N ASN B 280 14.45 -20.69 -0.86
CA ASN B 280 14.51 -20.53 -2.31
C ASN B 280 13.13 -20.61 -2.94
N THR B 281 12.31 -21.58 -2.52
CA THR B 281 10.97 -21.71 -3.06
C THR B 281 10.17 -20.42 -2.90
N ILE B 282 10.29 -19.79 -1.73
CA ILE B 282 9.59 -18.53 -1.50
C ILE B 282 10.16 -17.42 -2.38
N TRP B 283 11.48 -17.23 -2.31
CA TRP B 283 12.11 -16.11 -3.01
C TRP B 283 11.87 -16.19 -4.52
N GLU B 284 12.16 -17.34 -5.12
CA GLU B 284 11.97 -17.49 -6.55
C GLU B 284 10.50 -17.36 -6.93
N GLY B 285 9.61 -18.00 -6.16
CA GLY B 285 8.18 -17.89 -6.46
C GLY B 285 7.68 -16.46 -6.38
N CYS B 286 8.12 -15.70 -5.36
CA CYS B 286 7.64 -14.33 -5.20
C CYS B 286 8.28 -13.40 -6.21
N CYS B 287 9.53 -13.67 -6.60
CA CYS B 287 10.19 -12.84 -7.61
C CYS B 287 9.60 -13.07 -8.99
N ARG B 288 9.20 -14.31 -9.29
CA ARG B 288 8.46 -14.56 -10.52
C ARG B 288 7.13 -13.80 -10.52
N LEU B 289 6.45 -13.79 -9.38
CA LEU B 289 5.19 -13.07 -9.27
C LEU B 289 5.41 -11.56 -9.29
N GLU B 290 6.50 -11.08 -8.68
CA GLU B 290 6.77 -9.65 -8.57
C GLU B 290 8.27 -9.44 -8.79
N PRO B 291 8.68 -9.18 -10.03
CA PRO B 291 10.12 -9.11 -10.33
C PRO B 291 10.85 -7.98 -9.64
N THR B 292 10.15 -6.97 -9.12
CA THR B 292 10.83 -5.87 -8.43
C THR B 292 11.43 -6.31 -7.10
N LEU B 293 10.99 -7.45 -6.56
CA LEU B 293 11.51 -7.92 -5.28
C LEU B 293 13.00 -8.25 -5.35
N LYS B 294 13.57 -8.38 -6.54
CA LYS B 294 15.00 -8.64 -6.65
C LYS B 294 15.84 -7.53 -6.04
N ASN B 295 15.25 -6.37 -5.77
CA ASN B 295 15.94 -5.26 -5.12
C ASN B 295 15.57 -5.11 -3.66
N ALA B 296 14.84 -6.06 -3.09
CA ALA B 296 14.45 -5.99 -1.68
C ALA B 296 15.57 -6.51 -0.78
N ARG B 297 15.67 -5.93 0.41
CA ARG B 297 16.59 -6.41 1.43
C ARG B 297 15.85 -7.42 2.32
N ILE B 298 16.37 -8.64 2.40
CA ILE B 298 15.77 -9.63 3.29
C ILE B 298 16.11 -9.25 4.73
N ILE B 299 15.08 -9.00 5.53
CA ILE B 299 15.26 -8.55 6.91
C ILE B 299 15.29 -9.72 7.87
N GLY B 300 14.43 -10.71 7.66
CA GLY B 300 14.35 -11.82 8.60
C GLY B 300 13.53 -12.95 8.02
N GLU B 301 13.53 -14.06 8.74
CA GLU B 301 12.88 -15.27 8.26
C GLU B 301 12.43 -16.08 9.47
N ARG B 302 11.17 -16.51 9.47
CA ARG B 302 10.58 -17.21 10.60
C ARG B 302 9.87 -18.48 10.13
N THR B 303 9.76 -19.44 11.05
CA THR B 303 9.02 -20.67 10.84
C THR B 303 7.94 -20.80 11.90
N GLY B 304 6.73 -21.17 11.46
CA GLY B 304 5.64 -21.43 12.38
C GLY B 304 4.87 -22.67 11.96
N PHE B 305 3.96 -23.10 12.84
CA PHE B 305 3.14 -24.29 12.60
C PHE B 305 1.67 -23.92 12.70
N ARG B 306 0.96 -23.98 11.58
CA ARG B 306 -0.48 -23.77 11.58
C ARG B 306 -1.16 -24.90 12.34
N PRO B 307 -2.10 -24.60 13.24
CA PRO B 307 -2.87 -25.67 13.92
C PRO B 307 -3.95 -26.25 13.00
N VAL B 308 -3.52 -27.17 12.13
CA VAL B 308 -4.36 -27.72 11.08
C VAL B 308 -5.34 -28.72 11.67
N ARG B 309 -6.63 -28.53 11.39
CA ARG B 309 -7.69 -29.39 11.86
C ARG B 309 -8.85 -29.29 10.87
N PRO B 310 -9.56 -30.39 10.59
CA PRO B 310 -10.69 -30.31 9.66
C PRO B 310 -11.73 -29.29 10.07
N GLN B 311 -11.86 -29.02 11.37
CA GLN B 311 -12.64 -27.90 11.85
C GLN B 311 -12.08 -27.47 13.20
N ILE B 312 -12.39 -26.24 13.58
CA ILE B 312 -11.97 -25.76 14.89
C ILE B 312 -12.64 -26.63 15.96
N ARG B 313 -11.88 -26.98 16.98
CA ARG B 313 -12.45 -27.58 18.18
C ARG B 313 -12.84 -26.45 19.12
N LEU B 314 -14.13 -26.19 19.23
CA LEU B 314 -14.66 -25.12 20.09
C LEU B 314 -15.84 -25.74 20.83
N GLU B 315 -15.55 -26.39 21.95
CA GLU B 315 -16.57 -27.13 22.68
C GLU B 315 -16.12 -27.32 24.12
N ARG B 316 -17.09 -27.70 24.96
CA ARG B 316 -16.86 -27.96 26.37
C ARG B 316 -16.59 -29.45 26.59
N GLU B 317 -15.87 -29.74 27.67
CA GLU B 317 -15.59 -31.12 28.05
C GLU B 317 -15.32 -31.18 29.54
N GLN B 318 -16.02 -32.07 30.23
CA GLN B 318 -15.74 -32.33 31.63
C GLN B 318 -14.41 -33.06 31.76
N LEU B 319 -13.53 -32.55 32.62
CA LEU B 319 -12.23 -33.18 32.83
C LEU B 319 -12.43 -34.47 33.62
N ARG B 320 -12.14 -35.61 32.99
CA ARG B 320 -12.34 -36.92 33.59
C ARG B 320 -11.04 -37.45 34.22
N THR B 321 -10.20 -36.56 34.71
CA THR B 321 -8.91 -36.95 35.29
C THR B 321 -8.60 -36.06 36.48
N GLY B 322 -8.34 -36.68 37.63
CA GLY B 322 -8.09 -35.96 38.84
C GLY B 322 -9.33 -35.84 39.71
N PRO B 323 -9.15 -35.45 40.97
CA PRO B 323 -10.29 -35.43 41.91
C PRO B 323 -11.20 -34.21 41.76
N SER B 324 -10.82 -33.21 40.98
CA SER B 324 -11.55 -31.95 40.96
C SER B 324 -12.64 -31.97 39.90
N ASN B 325 -13.63 -31.09 40.10
CA ASN B 325 -14.71 -30.87 39.14
C ASN B 325 -14.35 -29.64 38.31
N THR B 326 -13.75 -29.88 37.15
CA THR B 326 -13.25 -28.81 36.30
C THR B 326 -13.73 -29.06 34.87
N GLU B 327 -14.24 -28.01 34.23
CA GLU B 327 -14.67 -28.07 32.84
C GLU B 327 -13.61 -27.42 31.95
N VAL B 328 -13.39 -28.02 30.79
CA VAL B 328 -12.41 -27.52 29.82
C VAL B 328 -13.16 -26.96 28.61
N ILE B 329 -12.80 -25.75 28.20
CA ILE B 329 -13.29 -25.17 26.96
C ILE B 329 -12.14 -25.22 25.96
N HIS B 330 -12.29 -26.05 24.93
CA HIS B 330 -11.28 -26.13 23.88
C HIS B 330 -11.52 -25.04 22.85
N ASN B 331 -10.43 -24.37 22.44
CA ASN B 331 -10.47 -23.36 21.39
C ASN B 331 -9.12 -23.41 20.66
N TYR B 332 -9.01 -24.37 19.74
CA TYR B 332 -7.76 -24.56 19.00
C TYR B 332 -8.07 -25.18 17.64
N GLY B 333 -7.06 -25.16 16.78
CA GLY B 333 -7.17 -25.77 15.47
C GLY B 333 -7.68 -24.81 14.41
N HIS B 334 -7.22 -23.57 14.46
CA HIS B 334 -7.70 -22.54 13.53
C HIS B 334 -6.89 -22.49 12.24
N GLY B 335 -5.99 -23.44 12.02
CA GLY B 335 -5.30 -23.54 10.74
C GLY B 335 -4.55 -22.27 10.39
N GLY B 336 -4.70 -21.85 9.14
CA GLY B 336 -4.03 -20.66 8.66
C GLY B 336 -4.92 -19.42 8.63
N TYR B 337 -5.92 -19.36 9.52
CA TYR B 337 -6.83 -18.23 9.53
C TYR B 337 -7.20 -17.80 10.95
N GLY B 338 -6.30 -18.01 11.91
CA GLY B 338 -6.60 -17.71 13.29
C GLY B 338 -6.84 -16.23 13.53
N LEU B 339 -5.99 -15.36 12.98
CA LEU B 339 -6.23 -13.93 13.08
C LEU B 339 -7.54 -13.54 12.42
N THR B 340 -7.84 -14.17 11.28
CA THR B 340 -9.04 -13.84 10.53
C THR B 340 -10.31 -14.15 11.31
N ILE B 341 -10.27 -15.16 12.18
CA ILE B 341 -11.46 -15.70 12.81
C ILE B 341 -11.48 -15.50 14.32
N HIS B 342 -10.43 -14.92 14.89
CA HIS B 342 -10.20 -15.01 16.33
C HIS B 342 -11.35 -14.43 17.15
N TRP B 343 -11.97 -13.35 16.67
CA TRP B 343 -12.94 -12.66 17.51
C TRP B 343 -14.26 -13.43 17.59
N GLY B 344 -14.74 -13.94 16.47
CA GLY B 344 -15.97 -14.73 16.50
C GLY B 344 -15.83 -15.96 17.36
N CYS B 345 -14.65 -16.59 17.32
CA CYS B 345 -14.38 -17.75 18.16
C CYS B 345 -14.38 -17.34 19.63
N ALA B 346 -13.80 -16.16 19.92
CA ALA B 346 -13.73 -15.70 21.30
C ALA B 346 -15.13 -15.43 21.86
N LEU B 347 -16.02 -14.86 21.04
CA LEU B 347 -17.38 -14.64 21.49
C LEU B 347 -18.10 -15.96 21.74
N GLU B 348 -17.92 -16.93 20.83
CA GLU B 348 -18.55 -18.23 21.00
C GLU B 348 -18.01 -18.95 22.23
N ALA B 349 -16.73 -18.80 22.52
CA ALA B 349 -16.16 -19.37 23.73
C ALA B 349 -16.75 -18.71 24.97
N ALA B 350 -17.01 -17.40 24.90
CA ALA B 350 -17.67 -16.72 26.02
C ALA B 350 -19.09 -17.23 26.21
N LYS B 351 -19.78 -17.54 25.11
CA LYS B 351 -21.10 -18.14 25.24
C LYS B 351 -21.01 -19.51 25.89
N LEU B 352 -20.02 -20.32 25.49
CA LEU B 352 -19.84 -21.63 26.12
C LEU B 352 -19.53 -21.49 27.60
N PHE B 353 -18.75 -20.47 27.96
CA PHE B 353 -18.51 -20.19 29.38
C PHE B 353 -19.82 -19.87 30.09
N GLY B 354 -20.72 -19.13 29.43
CA GLY B 354 -22.01 -18.85 30.02
C GLY B 354 -22.84 -20.10 30.24
N ARG B 355 -22.75 -21.06 29.31
CA ARG B 355 -23.42 -22.34 29.50
C ARG B 355 -22.94 -23.01 30.77
N ILE B 356 -21.61 -23.05 30.98
CA ILE B 356 -21.06 -23.65 32.19
C ILE B 356 -21.63 -22.99 33.44
N LEU B 357 -21.77 -21.66 33.42
CA LEU B 357 -22.36 -20.96 34.56
C LEU B 357 -23.80 -21.38 34.79
N GLU B 358 -24.56 -21.53 33.70
CA GLU B 358 -25.97 -21.90 33.83
C GLU B 358 -26.14 -23.31 34.38
N GLU B 359 -25.24 -24.23 34.03
CA GLU B 359 -25.35 -25.59 34.55
C GLU B 359 -24.86 -25.71 35.98
N LYS B 360 -24.11 -24.72 36.48
CA LYS B 360 -23.69 -24.71 37.88
C LYS B 360 -24.81 -24.30 38.82
N LYS B 361 -25.95 -23.86 38.31
CA LYS B 361 -27.07 -23.49 39.17
C LYS B 361 -28.21 -24.50 39.03
#